data_3FVQ
#
_entry.id   3FVQ
#
_cell.length_a   55.861
_cell.length_b   89.095
_cell.length_c   149.014
_cell.angle_alpha   90.00
_cell.angle_beta   90.00
_cell.angle_gamma   90.00
#
_symmetry.space_group_name_H-M   'P 21 21 21'
#
loop_
_entity.id
_entity.type
_entity.pdbx_description
1 polymer 'Fe(3+) ions import ATP-binding protein fbpC'
2 non-polymer "ADENOSINE-5'-TRIPHOSPHATE"
3 non-polymer 'CALCIUM ION'
4 water water
#
_entity_poly.entity_id   1
_entity_poly.type   'polypeptide(L)'
_entity_poly.pdbx_seq_one_letter_code
;MTAALHIGHLSKSFQNTPVLNDISLSLDPGEILFIIGASGCGKTTLLRCLAGFEQPDSGEISLSGKTIFSKNTNLPVRER
RLGYLVQEGVLFPHLTVYRNIAYGLGNGKGRTAQERQRIEAMLELTGISELAGRYPHELSGGQQQRAALARALAPDPELI
LLDEPFSALDEQLRRQIREDMIAALRANGKSAVFVSHDREEALQYADRIAVMKQGRILQTASPHELYRQPADLDAALFIG
EGIVFPAALNADGTADCRLGRLPVQSGAPAGTRGTLLIRPEQYSLHPHSAPAASIHAVVLKTTPKARHTEISLRAGQTVL
TLNLPSAPTLSDGISAVLHLDGPALFFPGNTLEHHHHHH
;
_entity_poly.pdbx_strand_id   A,B
#
# COMPACT_ATOMS: atom_id res chain seq x y z
CA THR A 2 -3.44 -14.39 24.80
C THR A 2 -4.74 -14.07 25.50
N ALA A 3 -5.44 -13.01 25.11
CA ALA A 3 -6.87 -12.93 25.44
C ALA A 3 -7.63 -13.53 24.28
N ALA A 4 -8.66 -14.31 24.58
CA ALA A 4 -9.52 -14.88 23.55
C ALA A 4 -10.69 -13.92 23.35
N LEU A 5 -11.33 -13.99 22.20
CA LEU A 5 -12.45 -13.11 21.91
C LEU A 5 -13.56 -13.89 21.22
N HIS A 6 -14.82 -13.64 21.58
CA HIS A 6 -15.91 -14.30 20.88
CA HIS A 6 -15.89 -14.27 20.84
C HIS A 6 -16.99 -13.29 20.53
N ILE A 7 -17.30 -13.19 19.23
CA ILE A 7 -18.36 -12.34 18.74
C ILE A 7 -19.44 -13.30 18.18
N GLY A 8 -20.70 -13.05 18.51
CA GLY A 8 -21.76 -14.00 18.13
C GLY A 8 -22.97 -13.32 17.58
N HIS A 9 -23.29 -13.60 16.33
CA HIS A 9 -24.45 -12.98 15.66
C HIS A 9 -24.66 -11.48 15.94
N LEU A 10 -23.58 -10.70 15.83
CA LEU A 10 -23.61 -9.27 16.10
CA LEU A 10 -23.60 -9.27 16.11
C LEU A 10 -24.06 -8.42 14.92
N SER A 11 -24.97 -7.47 15.19
CA SER A 11 -25.46 -6.49 14.21
C SER A 11 -25.53 -5.08 14.71
N LYS A 12 -25.61 -4.16 13.76
CA LYS A 12 -25.73 -2.76 14.07
C LYS A 12 -26.22 -2.01 12.82
N SER A 13 -27.26 -1.19 13.01
CA SER A 13 -27.69 -0.23 11.96
C SER A 13 -27.60 1.17 12.53
N PHE A 14 -27.40 2.18 11.67
CA PHE A 14 -27.46 3.55 12.14
C PHE A 14 -28.76 4.02 11.59
N GLN A 15 -29.44 4.94 12.29
CA GLN A 15 -30.64 5.49 11.73
C GLN A 15 -31.34 4.25 11.15
N ASN A 16 -31.77 4.24 9.90
CA ASN A 16 -32.23 2.95 9.37
C ASN A 16 -31.25 2.40 8.33
N THR A 17 -29.96 2.62 8.59
CA THR A 17 -28.86 2.24 7.68
C THR A 17 -28.12 1.04 8.27
N PRO A 18 -28.41 -0.17 7.78
CA PRO A 18 -27.64 -1.34 8.27
C PRO A 18 -26.14 -1.19 7.99
N VAL A 19 -25.26 -1.61 8.92
CA VAL A 19 -23.80 -1.50 8.75
CA VAL A 19 -23.81 -1.52 8.70
C VAL A 19 -23.02 -2.77 9.18
N LEU A 20 -23.52 -3.49 10.17
CA LEU A 20 -22.95 -4.80 10.53
C LEU A 20 -24.11 -5.77 10.58
N ASN A 21 -23.93 -6.92 9.96
CA ASN A 21 -25.04 -7.82 9.73
CA ASN A 21 -25.04 -7.83 9.69
C ASN A 21 -24.66 -9.24 10.08
N ASP A 22 -25.08 -9.65 11.28
CA ASP A 22 -24.90 -11.01 11.74
C ASP A 22 -23.45 -11.43 11.71
N ILE A 23 -22.57 -10.61 12.28
CA ILE A 23 -21.15 -10.99 12.40
C ILE A 23 -20.97 -12.00 13.48
N SER A 24 -20.32 -13.11 13.14
CA SER A 24 -19.74 -14.04 14.12
C SER A 24 -18.28 -14.15 13.80
N LEU A 25 -17.45 -14.26 14.82
CA LEU A 25 -16.01 -14.13 14.64
C LEU A 25 -15.33 -14.52 15.95
N SER A 26 -14.27 -15.29 15.84
CA SER A 26 -13.64 -15.81 17.02
C SER A 26 -12.13 -15.67 16.95
N LEU A 27 -11.52 -15.44 18.10
CA LEU A 27 -10.09 -15.24 18.19
C LEU A 27 -9.57 -16.07 19.35
N ASP A 28 -8.66 -17.00 19.07
CA ASP A 28 -7.96 -17.74 20.14
C ASP A 28 -6.83 -16.92 20.73
N PRO A 29 -6.45 -17.22 22.01
CA PRO A 29 -5.37 -16.51 22.67
C PRO A 29 -4.12 -16.43 21.80
N GLY A 30 -3.58 -15.23 21.64
CA GLY A 30 -2.35 -15.05 20.89
C GLY A 30 -2.51 -15.17 19.39
N GLU A 31 -3.74 -15.37 18.94
CA GLU A 31 -3.97 -15.43 17.51
C GLU A 31 -3.79 -14.02 16.90
N ILE A 32 -3.28 -13.92 15.67
CA ILE A 32 -3.20 -12.62 14.96
C ILE A 32 -4.21 -12.66 13.81
N LEU A 33 -5.28 -11.87 13.92
CA LEU A 33 -6.33 -11.85 12.92
C LEU A 33 -6.20 -10.58 12.10
N PHE A 34 -6.32 -10.68 10.79
CA PHE A 34 -6.48 -9.48 9.97
C PHE A 34 -7.92 -9.42 9.47
N ILE A 35 -8.48 -8.21 9.52
CA ILE A 35 -9.81 -7.99 8.98
C ILE A 35 -9.61 -7.11 7.75
N ILE A 36 -10.10 -7.56 6.60
CA ILE A 36 -9.97 -6.74 5.40
C ILE A 36 -11.32 -6.71 4.67
N GLY A 37 -11.49 -5.74 3.79
CA GLY A 37 -12.76 -5.58 3.06
C GLY A 37 -12.80 -4.22 2.41
N ALA A 38 -13.64 -4.07 1.39
CA ALA A 38 -13.78 -2.81 0.69
C ALA A 38 -14.22 -1.61 1.56
N SER A 39 -13.92 -0.42 1.07
CA SER A 39 -14.21 0.77 1.87
C SER A 39 -15.72 0.78 2.17
N GLY A 40 -16.06 1.09 3.42
CA GLY A 40 -17.44 1.23 3.87
C GLY A 40 -18.04 -0.10 4.33
N CYS A 41 -17.25 -1.18 4.32
CA CYS A 41 -17.81 -2.50 4.61
C CYS A 41 -18.09 -2.79 6.09
N GLY A 42 -17.58 -1.96 7.01
CA GLY A 42 -17.92 -2.06 8.45
C GLY A 42 -16.77 -2.45 9.38
N LYS A 43 -15.54 -2.40 8.88
CA LYS A 43 -14.37 -2.77 9.70
C LYS A 43 -14.18 -1.94 10.97
N THR A 44 -14.23 -0.63 10.87
CA THR A 44 -14.00 0.21 12.01
C THR A 44 -15.23 0.11 12.95
N THR A 45 -16.41 -0.05 12.37
CA THR A 45 -17.63 -0.13 13.22
C THR A 45 -17.53 -1.37 14.11
N LEU A 46 -17.08 -2.49 13.53
CA LEU A 46 -16.85 -3.74 14.29
C LEU A 46 -15.92 -3.50 15.45
N LEU A 47 -14.73 -2.97 15.16
CA LEU A 47 -13.79 -2.56 16.22
C LEU A 47 -14.36 -1.64 17.30
N ARG A 48 -15.09 -0.61 16.88
CA ARG A 48 -15.74 0.27 17.86
C ARG A 48 -16.75 -0.47 18.76
N CYS A 49 -17.52 -1.41 18.19
CA CYS A 49 -18.41 -2.20 19.02
C CYS A 49 -17.64 -3.09 20.01
N LEU A 50 -16.53 -3.69 19.57
CA LEU A 50 -15.70 -4.45 20.51
C LEU A 50 -15.21 -3.58 21.65
N ALA A 51 -14.73 -2.39 21.33
CA ALA A 51 -14.08 -1.53 22.30
C ALA A 51 -15.12 -0.79 23.17
N GLY A 52 -16.38 -0.83 22.75
CA GLY A 52 -17.45 -0.24 23.55
C GLY A 52 -17.74 1.20 23.20
N PHE A 53 -17.05 1.72 22.17
CA PHE A 53 -17.39 3.03 21.61
C PHE A 53 -18.72 3.07 20.85
N GLU A 54 -19.19 1.92 20.40
CA GLU A 54 -20.48 1.88 19.72
CA GLU A 54 -20.47 1.84 19.72
C GLU A 54 -21.24 0.68 20.32
N GLN A 55 -22.55 0.76 20.30
CA GLN A 55 -23.37 -0.26 20.92
C GLN A 55 -24.12 -1.06 19.86
N PRO A 56 -23.85 -2.36 19.79
CA PRO A 56 -24.54 -3.15 18.77
C PRO A 56 -26.01 -3.24 19.15
N ASP A 57 -26.84 -3.61 18.17
CA ASP A 57 -28.28 -3.72 18.32
C ASP A 57 -28.58 -5.08 18.86
N SER A 58 -27.81 -6.06 18.40
CA SER A 58 -27.97 -7.45 18.75
C SER A 58 -26.66 -8.21 18.77
N GLY A 59 -26.68 -9.40 19.38
CA GLY A 59 -25.53 -10.28 19.45
C GLY A 59 -24.74 -10.24 20.74
N GLU A 60 -23.75 -11.10 20.85
CA GLU A 60 -22.98 -11.20 22.07
C GLU A 60 -21.49 -11.00 21.82
N ILE A 61 -20.84 -10.20 22.69
CA ILE A 61 -19.38 -10.12 22.71
C ILE A 61 -18.83 -10.59 24.04
N SER A 62 -17.97 -11.61 24.00
CA SER A 62 -17.24 -12.02 25.20
C SER A 62 -15.71 -11.94 25.04
N LEU A 63 -15.02 -11.64 26.14
CA LEU A 63 -13.58 -11.39 26.16
C LEU A 63 -12.95 -12.25 27.26
N SER A 64 -11.95 -13.04 26.88
CA SER A 64 -11.37 -14.08 27.74
C SER A 64 -12.38 -14.84 28.60
N GLY A 65 -13.51 -15.18 28.01
CA GLY A 65 -14.50 -16.02 28.67
C GLY A 65 -15.58 -15.26 29.40
N LYS A 66 -15.39 -13.95 29.54
CA LYS A 66 -16.34 -13.10 30.24
C LYS A 66 -17.19 -12.33 29.24
N THR A 67 -18.49 -12.53 29.35
CA THR A 67 -19.46 -11.83 28.53
C THR A 67 -19.34 -10.31 28.75
N ILE A 68 -18.98 -9.51 27.72
CA ILE A 68 -18.90 -8.03 27.89
C ILE A 68 -20.02 -7.28 27.19
N PHE A 69 -20.65 -7.89 26.20
CA PHE A 69 -21.87 -7.33 25.64
C PHE A 69 -22.92 -8.41 25.35
N SER A 70 -24.15 -8.11 25.74
CA SER A 70 -25.28 -8.98 25.51
C SER A 70 -26.60 -8.26 25.81
N LYS A 71 -27.72 -8.97 25.64
CA LYS A 71 -29.00 -8.37 26.00
C LYS A 71 -28.97 -7.82 27.44
N ASN A 72 -28.23 -8.47 28.34
CA ASN A 72 -28.24 -8.08 29.74
C ASN A 72 -26.96 -7.41 30.29
N THR A 73 -25.94 -7.26 29.45
CA THR A 73 -24.65 -6.74 29.88
C THR A 73 -24.09 -5.76 28.84
N ASN A 74 -23.33 -4.78 29.31
CA ASN A 74 -22.74 -3.80 28.41
C ASN A 74 -21.63 -3.03 29.12
N LEU A 75 -20.47 -3.65 29.27
CA LEU A 75 -19.40 -3.07 30.04
C LEU A 75 -18.96 -1.77 29.44
N PRO A 76 -18.77 -0.75 30.28
CA PRO A 76 -18.27 0.52 29.80
C PRO A 76 -16.86 0.36 29.24
N VAL A 77 -16.48 1.27 28.35
CA VAL A 77 -15.18 1.25 27.70
C VAL A 77 -14.05 0.97 28.67
N ARG A 78 -13.94 1.82 29.69
CA ARG A 78 -12.82 1.74 30.63
C ARG A 78 -12.69 0.37 31.28
N GLU A 79 -13.74 -0.43 31.26
CA GLU A 79 -13.70 -1.72 31.93
C GLU A 79 -13.28 -2.88 31.03
N ARG A 80 -13.27 -2.65 29.73
CA ARG A 80 -12.92 -3.71 28.79
C ARG A 80 -11.41 -3.82 28.70
N ARG A 81 -10.86 -5.01 28.96
CA ARG A 81 -9.42 -5.14 29.04
C ARG A 81 -8.83 -5.40 27.66
N LEU A 82 -8.83 -4.36 26.84
CA LEU A 82 -8.20 -4.44 25.55
C LEU A 82 -7.59 -3.09 25.24
N GLY A 83 -6.63 -3.03 24.31
CA GLY A 83 -6.16 -1.73 23.80
C GLY A 83 -6.77 -1.51 22.43
N TYR A 84 -6.96 -0.26 22.00
CA TYR A 84 -7.56 0.01 20.65
C TYR A 84 -6.94 1.27 20.05
N LEU A 85 -6.24 1.09 18.95
CA LEU A 85 -5.62 2.17 18.20
C LEU A 85 -6.62 2.54 17.13
N VAL A 86 -7.20 3.75 17.22
CA VAL A 86 -8.26 4.22 16.33
CA VAL A 86 -8.26 4.07 16.26
C VAL A 86 -7.65 4.59 14.98
N GLN A 87 -8.40 4.44 13.91
CA GLN A 87 -7.86 4.72 12.57
C GLN A 87 -7.35 6.17 12.44
N GLU A 88 -8.03 7.13 13.07
CA GLU A 88 -7.43 8.49 13.16
C GLU A 88 -6.14 8.68 14.05
N GLY A 89 -5.78 7.66 14.82
CA GLY A 89 -4.66 7.81 15.79
C GLY A 89 -5.01 8.73 16.96
N VAL A 90 -5.45 9.95 16.67
CA VAL A 90 -5.70 11.01 17.68
C VAL A 90 -4.77 11.11 18.92
N LEU A 91 -3.59 11.73 18.82
CA LEU A 91 -2.70 11.99 20.00
C LEU A 91 -3.30 13.12 20.89
N PHE A 92 -2.90 13.22 22.14
CA PHE A 92 -3.36 14.32 23.02
C PHE A 92 -2.54 15.52 22.52
N PRO A 93 -3.19 16.55 21.99
CA PRO A 93 -2.40 17.62 21.37
C PRO A 93 -1.64 18.47 22.36
N HIS A 94 -2.03 18.42 23.64
CA HIS A 94 -1.39 19.26 24.64
C HIS A 94 -0.35 18.52 25.47
N LEU A 95 0.05 17.32 25.00
CA LEU A 95 1.14 16.57 25.62
C LEU A 95 2.23 16.28 24.59
N THR A 96 3.47 16.26 25.04
CA THR A 96 4.56 15.82 24.10
C THR A 96 4.36 14.36 23.68
N VAL A 97 5.11 13.92 22.66
CA VAL A 97 5.13 12.54 22.25
C VAL A 97 5.54 11.68 23.49
N TYR A 98 6.56 12.12 24.22
CA TYR A 98 6.99 11.38 25.41
C TYR A 98 5.82 11.13 26.40
N ARG A 99 5.12 12.19 26.74
CA ARG A 99 3.97 12.06 27.67
C ARG A 99 2.77 11.37 27.08
N ASN A 100 2.55 11.51 25.76
CA ASN A 100 1.54 10.67 25.11
C ASN A 100 1.83 9.16 25.30
N ILE A 101 3.08 8.75 25.08
CA ILE A 101 3.39 7.33 25.19
C ILE A 101 3.39 6.93 26.69
N ALA A 102 3.80 7.86 27.56
CA ALA A 102 3.78 7.57 29.01
C ALA A 102 2.35 7.36 29.56
N TYR A 103 1.35 7.85 28.83
CA TYR A 103 0.02 8.11 29.39
C TYR A 103 -0.62 6.84 29.89
N GLY A 104 -0.47 5.75 29.13
CA GLY A 104 -1.08 4.49 29.54
C GLY A 104 -0.24 3.64 30.51
N LEU A 105 0.90 4.15 30.98
CA LEU A 105 1.66 3.41 31.99
C LEU A 105 1.53 4.03 33.40
N GLY A 106 1.24 3.19 34.41
CA GLY A 106 1.09 3.72 35.77
C GLY A 106 0.27 4.99 35.89
N ASN A 107 0.86 5.99 36.55
CA ASN A 107 0.20 7.24 36.78
C ASN A 107 0.40 8.20 35.62
N GLY A 108 0.96 7.70 34.51
CA GLY A 108 1.09 8.52 33.24
C GLY A 108 2.22 9.53 33.23
N LYS A 109 2.96 9.64 34.34
CA LYS A 109 3.99 10.69 34.42
C LYS A 109 5.31 10.32 33.75
N GLY A 110 5.50 9.03 33.53
CA GLY A 110 6.73 8.56 32.92
C GLY A 110 7.93 8.88 33.73
N ARG A 111 7.82 8.77 35.06
CA ARG A 111 8.94 9.04 35.95
C ARG A 111 9.71 7.82 36.50
N THR A 112 9.16 6.62 36.39
CA THR A 112 9.89 5.47 36.92
C THR A 112 10.88 4.97 35.88
N ALA A 113 11.94 4.30 36.32
CA ALA A 113 12.96 3.83 35.39
C ALA A 113 12.36 2.79 34.45
N GLN A 114 11.46 1.97 34.99
CA GLN A 114 10.74 0.99 34.21
C GLN A 114 9.87 1.63 33.12
N GLU A 115 9.23 2.75 33.43
CA GLU A 115 8.41 3.47 32.43
C GLU A 115 9.32 4.07 31.39
N ARG A 116 10.38 4.74 31.82
CA ARG A 116 11.34 5.30 30.88
C ARG A 116 11.88 4.22 29.95
N GLN A 117 12.19 3.06 30.50
CA GLN A 117 12.68 1.94 29.64
C GLN A 117 11.60 1.55 28.61
N ARG A 118 10.36 1.43 29.06
CA ARG A 118 9.32 0.94 28.15
C ARG A 118 9.04 1.99 27.04
N ILE A 119 9.07 3.27 27.41
CA ILE A 119 8.88 4.34 26.41
C ILE A 119 10.05 4.32 25.40
N GLU A 120 11.29 4.21 25.89
CA GLU A 120 12.43 4.04 24.98
CA GLU A 120 12.43 4.05 24.99
C GLU A 120 12.22 2.83 24.08
N ALA A 121 11.69 1.73 24.61
CA ALA A 121 11.47 0.57 23.69
C ALA A 121 10.51 0.91 22.59
N MET A 122 9.46 1.64 22.94
CA MET A 122 8.46 1.98 21.90
C MET A 122 8.98 3.02 20.94
N LEU A 123 9.73 4.00 21.43
CA LEU A 123 10.32 5.01 20.54
C LEU A 123 11.29 4.36 19.56
N GLU A 124 12.07 3.38 20.05
CA GLU A 124 13.02 2.68 19.14
C GLU A 124 12.32 1.75 18.15
N LEU A 125 11.30 1.03 18.58
CA LEU A 125 10.58 0.13 17.67
C LEU A 125 10.05 0.96 16.51
N THR A 126 9.49 2.12 16.82
CA THR A 126 8.82 2.90 15.75
C THR A 126 9.71 3.94 15.09
N GLY A 127 10.97 4.01 15.52
CA GLY A 127 11.89 4.91 14.88
C GLY A 127 11.64 6.40 15.11
N ILE A 128 11.08 6.79 16.26
CA ILE A 128 10.80 8.20 16.49
C ILE A 128 11.47 8.74 17.75
N SER A 129 12.57 8.12 18.18
CA SER A 129 13.31 8.60 19.35
C SER A 129 13.63 10.09 19.39
N GLU A 130 14.05 10.68 18.25
CA GLU A 130 14.46 12.07 18.20
C GLU A 130 13.27 13.04 18.21
N LEU A 131 12.06 12.48 18.24
CA LEU A 131 10.86 13.31 18.21
C LEU A 131 10.14 13.33 19.53
N ALA A 132 10.74 12.74 20.56
CA ALA A 132 9.95 12.50 21.74
C ALA A 132 9.62 13.79 22.52
N GLY A 133 10.36 14.86 22.25
CA GLY A 133 10.10 16.15 22.84
C GLY A 133 9.11 17.04 22.06
N ARG A 134 8.67 16.57 20.90
CA ARG A 134 7.74 17.32 20.05
C ARG A 134 6.32 17.21 20.57
N TYR A 135 5.49 18.19 20.24
CA TYR A 135 4.04 18.02 20.35
C TYR A 135 3.48 17.49 19.01
N PRO A 136 2.30 16.88 19.04
CA PRO A 136 1.73 16.28 17.84
C PRO A 136 1.65 17.21 16.62
N HIS A 137 1.44 18.52 16.85
CA HIS A 137 1.32 19.46 15.70
C HIS A 137 2.66 19.75 15.09
N GLU A 138 3.75 19.33 15.76
CA GLU A 138 5.13 19.40 15.24
C GLU A 138 5.65 18.13 14.54
N LEU A 139 4.73 17.31 14.04
CA LEU A 139 5.13 16.02 13.51
C LEU A 139 4.54 15.85 12.11
N SER A 140 5.22 15.11 11.29
CA SER A 140 4.63 14.65 10.01
C SER A 140 3.51 13.63 10.20
N GLY A 141 2.74 13.38 9.14
CA GLY A 141 1.62 12.45 9.28
C GLY A 141 2.11 11.06 9.70
N GLY A 142 3.16 10.56 9.05
CA GLY A 142 3.65 9.24 9.42
C GLY A 142 4.30 9.18 10.81
N GLN A 143 4.86 10.31 11.24
CA GLN A 143 5.43 10.38 12.64
C GLN A 143 4.29 10.39 13.65
N GLN A 144 3.22 11.14 13.35
CA GLN A 144 2.06 11.17 14.27
C GLN A 144 1.48 9.77 14.39
N GLN A 145 1.35 9.09 13.25
CA GLN A 145 0.83 7.71 13.22
C GLN A 145 1.67 6.75 14.10
N ARG A 146 2.98 6.87 14.01
CA ARG A 146 3.88 6.02 14.79
C ARG A 146 3.85 6.35 16.26
N ALA A 147 3.67 7.62 16.60
CA ALA A 147 3.60 7.98 18.00
C ALA A 147 2.31 7.40 18.56
N ALA A 148 1.26 7.39 17.75
CA ALA A 148 -0.04 6.88 18.26
C ALA A 148 0.06 5.35 18.46
N LEU A 149 0.76 4.71 17.55
CA LEU A 149 0.98 3.28 17.66
C LEU A 149 1.80 3.02 18.96
N ALA A 150 2.83 3.83 19.20
CA ALA A 150 3.70 3.64 20.39
C ALA A 150 2.87 3.78 21.67
N ARG A 151 2.00 4.78 21.68
CA ARG A 151 1.12 5.02 22.82
C ARG A 151 0.22 3.83 23.11
N ALA A 152 -0.37 3.26 22.05
CA ALA A 152 -1.29 2.12 22.21
C ALA A 152 -0.57 0.81 22.59
N LEU A 153 0.64 0.64 22.10
CA LEU A 153 1.41 -0.59 22.38
CA LEU A 153 1.46 -0.57 22.37
C LEU A 153 2.16 -0.55 23.71
N ALA A 154 2.39 0.64 24.26
CA ALA A 154 3.19 0.71 25.50
C ALA A 154 2.66 -0.11 26.69
N PRO A 155 1.35 -0.11 26.97
CA PRO A 155 0.81 -0.90 28.11
C PRO A 155 0.82 -2.42 27.83
N ASP A 156 1.12 -2.78 26.60
CA ASP A 156 1.16 -4.18 26.17
C ASP A 156 -0.09 -4.98 26.55
N PRO A 157 -1.29 -4.53 26.10
CA PRO A 157 -2.54 -5.19 26.49
C PRO A 157 -2.61 -6.63 25.94
N GLU A 158 -3.35 -7.51 26.64
CA GLU A 158 -3.50 -8.90 26.26
C GLU A 158 -4.22 -9.10 24.92
N LEU A 159 -5.06 -8.12 24.58
CA LEU A 159 -5.70 -7.98 23.28
C LEU A 159 -5.55 -6.53 22.79
N ILE A 160 -5.06 -6.37 21.55
CA ILE A 160 -4.89 -5.06 20.99
C ILE A 160 -5.60 -5.02 19.64
N LEU A 161 -6.40 -3.97 19.45
CA LEU A 161 -7.11 -3.72 18.20
C LEU A 161 -6.41 -2.59 17.48
N LEU A 162 -5.96 -2.83 16.25
CA LEU A 162 -5.12 -1.88 15.54
C LEU A 162 -5.79 -1.51 14.20
N ASP A 163 -6.43 -0.33 14.14
CA ASP A 163 -7.16 0.02 12.92
C ASP A 163 -6.23 0.78 12.01
N GLU A 164 -5.65 0.10 11.05
CA GLU A 164 -4.75 0.77 10.08
C GLU A 164 -3.55 1.49 10.70
N PRO A 165 -2.73 0.76 11.46
CA PRO A 165 -1.68 1.40 12.21
C PRO A 165 -0.51 1.88 11.37
N PHE A 166 -0.46 1.51 10.08
CA PHE A 166 0.78 1.68 9.25
C PHE A 166 0.52 2.41 7.93
N SER A 167 -0.72 2.86 7.74
CA SER A 167 -1.21 3.29 6.43
C SER A 167 -0.49 4.53 5.88
N ALA A 168 0.14 5.32 6.73
CA ALA A 168 0.85 6.53 6.29
C ALA A 168 2.38 6.32 6.13
N LEU A 169 2.82 5.06 6.24
CA LEU A 169 4.28 4.81 6.28
C LEU A 169 4.78 4.24 4.98
N ASP A 170 5.93 4.77 4.54
CA ASP A 170 6.64 4.24 3.39
C ASP A 170 7.01 2.78 3.62
N GLU A 171 7.24 2.09 2.51
CA GLU A 171 7.36 0.65 2.51
C GLU A 171 8.46 0.11 3.47
N GLN A 172 9.68 0.63 3.39
CA GLN A 172 10.80 0.06 4.21
C GLN A 172 10.44 0.19 5.70
N LEU A 173 9.86 1.33 6.06
CA LEU A 173 9.51 1.62 7.45
C LEU A 173 8.40 0.68 7.94
N ARG A 174 7.34 0.57 7.13
CA ARG A 174 6.20 -0.28 7.49
C ARG A 174 6.65 -1.71 7.58
N ARG A 175 7.54 -2.14 6.67
CA ARG A 175 8.03 -3.52 6.76
C ARG A 175 8.81 -3.82 8.04
N GLN A 176 9.66 -2.90 8.47
CA GLN A 176 10.51 -3.14 9.62
C GLN A 176 9.66 -3.08 10.87
N ILE A 177 8.84 -2.03 11.01
CA ILE A 177 7.98 -1.95 12.19
C ILE A 177 7.07 -3.17 12.26
N ARG A 178 6.44 -3.57 11.16
CA ARG A 178 5.49 -4.68 11.33
C ARG A 178 6.21 -6.01 11.63
N GLU A 179 7.35 -6.25 11.00
CA GLU A 179 8.10 -7.48 11.33
C GLU A 179 8.49 -7.49 12.82
N ASP A 180 9.07 -6.39 13.30
CA ASP A 180 9.57 -6.31 14.70
C ASP A 180 8.42 -6.39 15.66
N MET A 181 7.34 -5.71 15.33
CA MET A 181 6.24 -5.66 16.31
CA MET A 181 6.16 -5.61 16.23
C MET A 181 5.48 -6.97 16.37
N ILE A 182 5.19 -7.58 15.22
CA ILE A 182 4.39 -8.80 15.26
C ILE A 182 5.21 -9.98 15.85
N ALA A 183 6.51 -9.98 15.57
CA ALA A 183 7.42 -10.96 16.21
C ALA A 183 7.37 -10.82 17.74
N ALA A 184 7.34 -9.58 18.24
CA ALA A 184 7.31 -9.30 19.68
C ALA A 184 5.99 -9.70 20.29
N LEU A 185 4.88 -9.43 19.57
CA LEU A 185 3.55 -9.82 20.04
C LEU A 185 3.44 -11.35 20.16
N ARG A 186 3.96 -12.05 19.15
CA ARG A 186 3.92 -13.50 19.14
C ARG A 186 4.83 -14.07 20.28
N ALA A 187 6.02 -13.52 20.39
CA ALA A 187 6.92 -13.99 21.43
C ALA A 187 6.26 -13.83 22.81
N ASN A 188 5.42 -12.80 22.97
CA ASN A 188 4.79 -12.51 24.27
C ASN A 188 3.40 -13.12 24.41
N GLY A 189 2.98 -13.88 23.41
CA GLY A 189 1.70 -14.51 23.45
C GLY A 189 0.50 -13.58 23.30
N LYS A 190 0.71 -12.34 22.85
CA LYS A 190 -0.38 -11.36 22.75
C LYS A 190 -1.37 -11.67 21.61
N SER A 191 -2.65 -11.36 21.79
CA SER A 191 -3.63 -11.47 20.71
C SER A 191 -3.75 -10.10 20.03
N ALA A 192 -4.01 -10.09 18.73
CA ALA A 192 -4.08 -8.82 18.05
C ALA A 192 -5.05 -8.94 16.91
N VAL A 193 -5.79 -7.86 16.66
CA VAL A 193 -6.61 -7.79 15.46
C VAL A 193 -6.11 -6.60 14.64
N PHE A 194 -5.74 -6.82 13.38
CA PHE A 194 -5.25 -5.70 12.55
C PHE A 194 -6.31 -5.42 11.50
N VAL A 195 -6.59 -4.15 11.20
CA VAL A 195 -7.30 -3.84 9.95
C VAL A 195 -6.25 -3.33 8.94
N SER A 196 -6.32 -3.87 7.73
CA SER A 196 -5.34 -3.56 6.69
C SER A 196 -6.05 -3.60 5.34
N HIS A 197 -5.45 -2.92 4.37
CA HIS A 197 -5.80 -3.13 2.96
C HIS A 197 -4.57 -3.47 2.14
N ASP A 198 -3.47 -3.77 2.83
CA ASP A 198 -2.24 -4.29 2.18
C ASP A 198 -2.34 -5.82 2.07
N ARG A 199 -2.65 -6.38 0.89
CA ARG A 199 -2.84 -7.84 0.69
C ARG A 199 -1.62 -8.69 1.08
N GLU A 200 -0.44 -8.28 0.66
CA GLU A 200 0.80 -8.98 0.99
C GLU A 200 1.00 -9.05 2.50
N GLU A 201 0.69 -7.96 3.16
CA GLU A 201 0.85 -7.87 4.59
C GLU A 201 -0.05 -8.88 5.27
N ALA A 202 -1.32 -8.87 4.91
CA ALA A 202 -2.29 -9.79 5.54
C ALA A 202 -1.90 -11.24 5.30
N LEU A 203 -1.52 -11.57 4.07
CA LEU A 203 -1.13 -12.93 3.69
C LEU A 203 0.14 -13.40 4.39
N GLN A 204 1.07 -12.48 4.66
CA GLN A 204 2.30 -12.84 5.30
C GLN A 204 2.15 -13.06 6.81
N TYR A 205 1.33 -12.22 7.46
CA TYR A 205 1.37 -12.15 8.92
C TYR A 205 0.17 -12.72 9.61
N ALA A 206 -0.98 -12.80 8.94
CA ALA A 206 -2.23 -13.25 9.58
C ALA A 206 -2.20 -14.75 9.91
N ASP A 207 -2.68 -15.14 11.10
CA ASP A 207 -3.00 -16.54 11.32
C ASP A 207 -4.32 -16.83 10.58
N ARG A 208 -5.27 -15.91 10.67
CA ARG A 208 -6.49 -15.97 9.86
C ARG A 208 -6.83 -14.59 9.37
N ILE A 209 -7.50 -14.57 8.23
CA ILE A 209 -8.05 -13.37 7.64
C ILE A 209 -9.58 -13.45 7.55
N ALA A 210 -10.26 -12.46 8.10
CA ALA A 210 -11.70 -12.30 7.86
C ALA A 210 -11.91 -11.24 6.78
N VAL A 211 -12.53 -11.62 5.67
CA VAL A 211 -12.90 -10.71 4.62
C VAL A 211 -14.34 -10.31 4.84
N MET A 212 -14.56 -9.01 5.01
CA MET A 212 -15.92 -8.46 5.14
C MET A 212 -16.44 -7.86 3.84
N LYS A 213 -17.75 -7.96 3.62
CA LYS A 213 -18.39 -7.35 2.46
C LYS A 213 -19.78 -6.86 2.87
N GLN A 214 -20.06 -5.59 2.64
CA GLN A 214 -21.35 -4.98 2.95
C GLN A 214 -21.82 -5.40 4.33
N GLY A 215 -20.93 -5.38 5.32
CA GLY A 215 -21.37 -5.67 6.67
C GLY A 215 -21.34 -7.12 7.11
N ARG A 216 -21.09 -8.06 6.22
CA ARG A 216 -21.03 -9.46 6.62
C ARG A 216 -19.62 -10.02 6.46
N ILE A 217 -19.35 -11.14 7.12
CA ILE A 217 -18.14 -11.91 6.85
C ILE A 217 -18.36 -12.74 5.61
N LEU A 218 -17.56 -12.49 4.59
CA LEU A 218 -17.62 -13.26 3.36
C LEU A 218 -16.96 -14.61 3.57
N GLN A 219 -15.76 -14.58 4.13
CA GLN A 219 -14.94 -15.73 4.39
C GLN A 219 -13.95 -15.39 5.50
N THR A 220 -13.79 -16.29 6.47
CA THR A 220 -12.70 -16.22 7.42
C THR A 220 -11.86 -17.47 7.28
N ALA A 221 -10.57 -17.34 7.02
CA ALA A 221 -9.71 -18.51 6.77
C ALA A 221 -8.23 -18.18 6.90
N SER A 222 -7.36 -19.19 6.84
CA SER A 222 -5.95 -18.97 6.89
C SER A 222 -5.59 -18.24 5.60
N PRO A 223 -4.42 -17.60 5.57
CA PRO A 223 -4.02 -16.94 4.32
C PRO A 223 -3.97 -17.94 3.13
N HIS A 224 -3.38 -19.11 3.38
CA HIS A 224 -3.29 -20.14 2.34
C HIS A 224 -4.67 -20.51 1.77
N GLU A 225 -5.62 -20.84 2.64
CA GLU A 225 -6.98 -21.19 2.24
C GLU A 225 -7.75 -20.03 1.56
N LEU A 226 -7.64 -18.83 2.12
CA LEU A 226 -8.28 -17.67 1.52
C LEU A 226 -7.79 -17.49 0.06
N TYR A 227 -6.48 -17.58 -0.14
CA TYR A 227 -5.91 -17.22 -1.47
C TYR A 227 -6.11 -18.37 -2.47
N ARG A 228 -5.91 -19.61 -2.02
CA ARG A 228 -5.98 -20.80 -2.87
C ARG A 228 -7.37 -21.50 -2.94
N GLN A 229 -8.19 -21.31 -1.93
CA GLN A 229 -9.56 -21.80 -2.01
C GLN A 229 -10.58 -20.71 -1.68
N PRO A 230 -10.66 -19.65 -2.49
CA PRO A 230 -11.58 -18.60 -2.08
C PRO A 230 -13.03 -19.01 -2.24
N ALA A 231 -13.89 -18.46 -1.37
CA ALA A 231 -15.29 -18.86 -1.34
C ALA A 231 -16.00 -18.44 -2.60
N ASP A 232 -15.45 -17.42 -3.28
CA ASP A 232 -16.20 -16.53 -4.13
C ASP A 232 -15.23 -16.00 -5.20
N LEU A 233 -15.69 -15.79 -6.44
CA LEU A 233 -14.86 -15.06 -7.39
C LEU A 233 -14.70 -13.63 -6.84
N ASP A 234 -15.71 -13.20 -6.09
CA ASP A 234 -15.62 -11.92 -5.40
CA ASP A 234 -15.63 -11.94 -5.38
C ASP A 234 -14.47 -11.93 -4.38
N ALA A 235 -14.41 -12.96 -3.53
CA ALA A 235 -13.34 -13.05 -2.54
C ALA A 235 -11.98 -13.28 -3.19
N ALA A 236 -11.98 -13.98 -4.32
CA ALA A 236 -10.72 -14.34 -5.01
C ALA A 236 -10.04 -13.07 -5.48
N LEU A 237 -10.83 -12.19 -6.09
CA LEU A 237 -10.31 -10.93 -6.65
C LEU A 237 -9.98 -9.84 -5.62
N PHE A 238 -10.60 -9.90 -4.44
CA PHE A 238 -10.26 -8.96 -3.39
C PHE A 238 -8.90 -9.31 -2.81
N ILE A 239 -8.59 -10.60 -2.62
CA ILE A 239 -7.34 -10.98 -1.99
C ILE A 239 -6.13 -10.93 -2.94
N GLY A 240 -6.37 -10.92 -4.25
CA GLY A 240 -5.29 -10.92 -5.23
C GLY A 240 -5.76 -10.65 -6.67
N GLU A 241 -4.83 -10.35 -7.56
CA GLU A 241 -5.15 -10.24 -8.99
C GLU A 241 -5.52 -11.58 -9.61
N GLY A 242 -6.18 -11.53 -10.77
CA GLY A 242 -6.51 -12.75 -11.49
C GLY A 242 -6.91 -12.47 -12.93
N ILE A 243 -6.51 -13.32 -13.86
CA ILE A 243 -7.05 -13.24 -15.21
C ILE A 243 -8.15 -14.29 -15.33
N VAL A 244 -9.30 -13.92 -15.91
CA VAL A 244 -10.46 -14.78 -15.94
C VAL A 244 -10.83 -15.21 -17.35
N PHE A 245 -11.55 -16.32 -17.46
CA PHE A 245 -11.97 -16.88 -18.75
C PHE A 245 -13.24 -17.66 -18.52
N PRO A 246 -14.21 -17.51 -19.43
CA PRO A 246 -15.38 -18.38 -19.32
C PRO A 246 -14.91 -19.81 -19.59
N ALA A 247 -15.32 -20.74 -18.75
CA ALA A 247 -14.86 -22.11 -18.90
C ALA A 247 -16.00 -23.11 -18.68
N ALA A 248 -15.77 -24.33 -19.12
CA ALA A 248 -16.73 -25.38 -18.86
C ALA A 248 -16.01 -26.53 -18.22
N LEU A 249 -16.62 -27.04 -17.14
CA LEU A 249 -15.98 -28.05 -16.35
C LEU A 249 -16.05 -29.43 -17.03
N ASN A 250 -14.93 -30.15 -17.01
CA ASN A 250 -14.93 -31.52 -17.50
C ASN A 250 -14.90 -32.46 -16.32
N ALA A 251 -14.75 -33.76 -16.57
CA ALA A 251 -14.93 -34.71 -15.51
C ALA A 251 -13.61 -35.28 -15.03
N ASP A 252 -12.53 -34.92 -15.70
CA ASP A 252 -11.20 -35.39 -15.28
C ASP A 252 -10.43 -34.34 -14.51
N GLY A 253 -11.15 -33.34 -14.00
CA GLY A 253 -10.51 -32.26 -13.28
C GLY A 253 -9.68 -31.41 -14.22
N THR A 254 -10.31 -31.01 -15.32
CA THR A 254 -9.79 -29.98 -16.19
C THR A 254 -11.04 -29.18 -16.58
N ALA A 255 -10.82 -28.01 -17.17
CA ALA A 255 -11.89 -27.15 -17.61
C ALA A 255 -11.53 -26.69 -19.01
N ASP A 256 -12.53 -26.60 -19.87
CA ASP A 256 -12.33 -26.08 -21.21
C ASP A 256 -12.51 -24.58 -21.22
N CYS A 257 -11.55 -23.89 -21.84
CA CYS A 257 -11.64 -22.46 -22.09
C CYS A 257 -10.82 -22.14 -23.36
N ARG A 258 -11.02 -20.98 -23.96
CA ARG A 258 -10.44 -20.69 -25.28
C ARG A 258 -8.93 -20.75 -25.31
N LEU A 259 -8.33 -20.64 -24.13
CA LEU A 259 -6.90 -20.76 -24.00
C LEU A 259 -6.49 -22.24 -24.07
N GLY A 260 -7.40 -23.15 -23.74
CA GLY A 260 -7.03 -24.58 -23.76
C GLY A 260 -7.71 -25.41 -22.68
N ARG A 261 -7.36 -26.69 -22.62
CA ARG A 261 -7.86 -27.59 -21.61
C ARG A 261 -6.97 -27.51 -20.37
N LEU A 262 -7.41 -26.75 -19.39
CA LEU A 262 -6.57 -26.45 -18.24
C LEU A 262 -7.01 -27.24 -17.03
N PRO A 263 -6.04 -27.79 -16.31
CA PRO A 263 -6.24 -28.43 -15.02
C PRO A 263 -6.84 -27.40 -14.08
N VAL A 264 -7.81 -27.80 -13.28
CA VAL A 264 -8.49 -26.85 -12.41
C VAL A 264 -8.84 -27.48 -11.06
N GLN A 265 -9.06 -26.65 -10.05
CA GLN A 265 -9.49 -27.17 -8.76
C GLN A 265 -10.96 -26.93 -8.58
N SER A 266 -11.70 -28.00 -8.38
CA SER A 266 -13.16 -27.92 -8.27
C SER A 266 -13.70 -29.29 -7.92
N GLY A 267 -14.88 -29.30 -7.31
CA GLY A 267 -15.55 -30.54 -6.96
C GLY A 267 -16.88 -30.55 -7.66
N ALA A 268 -17.25 -29.38 -8.18
CA ALA A 268 -18.53 -29.19 -8.86
C ALA A 268 -18.83 -30.31 -9.85
N PRO A 269 -20.04 -30.28 -10.42
CA PRO A 269 -20.44 -31.32 -11.34
C PRO A 269 -19.93 -31.05 -12.74
N ALA A 270 -19.23 -32.03 -13.31
CA ALA A 270 -18.84 -31.97 -14.71
C ALA A 270 -19.97 -31.33 -15.50
N GLY A 271 -19.60 -30.52 -16.48
CA GLY A 271 -20.57 -29.78 -17.26
C GLY A 271 -20.89 -28.44 -16.65
N THR A 272 -20.56 -28.23 -15.39
CA THR A 272 -20.86 -26.93 -14.82
C THR A 272 -20.11 -25.90 -15.65
N ARG A 273 -20.83 -24.92 -16.18
CA ARG A 273 -20.20 -23.79 -16.84
C ARG A 273 -19.82 -22.85 -15.70
N GLY A 274 -18.70 -22.15 -15.86
CA GLY A 274 -18.27 -21.19 -14.85
C GLY A 274 -17.19 -20.26 -15.37
N THR A 275 -16.40 -19.73 -14.44
CA THR A 275 -15.24 -18.91 -14.79
C THR A 275 -13.99 -19.61 -14.27
N LEU A 276 -12.95 -19.69 -15.10
CA LEU A 276 -11.62 -20.12 -14.69
C LEU A 276 -10.83 -18.88 -14.29
N LEU A 277 -10.07 -18.95 -13.21
CA LEU A 277 -9.22 -17.80 -12.80
C LEU A 277 -7.76 -18.19 -12.64
N ILE A 278 -6.90 -17.48 -13.34
CA ILE A 278 -5.48 -17.76 -13.28
C ILE A 278 -4.79 -16.59 -12.54
N ARG A 279 -3.97 -16.88 -11.53
CA ARG A 279 -3.20 -15.83 -10.85
C ARG A 279 -1.99 -15.40 -11.71
N PRO A 280 -1.61 -14.12 -11.68
CA PRO A 280 -0.51 -13.63 -12.53
C PRO A 280 0.79 -14.39 -12.29
N GLU A 281 1.08 -14.78 -11.04
CA GLU A 281 2.29 -15.52 -10.75
C GLU A 281 2.35 -16.88 -11.43
N GLN A 282 1.21 -17.38 -11.92
CA GLN A 282 1.22 -18.74 -12.49
C GLN A 282 1.70 -18.76 -13.96
N TYR A 283 1.57 -17.62 -14.64
CA TYR A 283 2.05 -17.39 -16.01
C TYR A 283 3.55 -17.27 -16.13
N SER A 284 4.12 -17.84 -17.21
CA SER A 284 5.45 -17.46 -17.71
C SER A 284 5.46 -17.64 -19.24
N LEU A 285 6.43 -17.01 -19.90
CA LEU A 285 6.56 -17.01 -21.35
C LEU A 285 7.94 -17.55 -21.72
N HIS A 286 7.97 -18.51 -22.64
CA HIS A 286 9.17 -19.25 -22.93
C HIS A 286 9.46 -19.32 -24.42
N PRO A 287 10.75 -19.38 -24.79
CA PRO A 287 11.93 -19.46 -23.89
C PRO A 287 12.39 -18.13 -23.28
N HIS A 288 13.03 -18.20 -22.10
CA HIS A 288 13.70 -17.05 -21.47
C HIS A 288 15.10 -16.87 -22.03
N SER A 289 15.65 -15.67 -21.91
CA SER A 289 17.03 -15.41 -22.29
C SER A 289 18.01 -16.22 -21.43
N ALA A 290 19.23 -16.40 -21.93
CA ALA A 290 20.28 -17.01 -21.13
C ALA A 290 20.39 -16.22 -19.86
N PRO A 291 20.66 -16.89 -18.73
CA PRO A 291 20.77 -16.16 -17.47
C PRO A 291 22.07 -15.39 -17.41
N ALA A 292 22.06 -14.26 -16.72
CA ALA A 292 23.30 -13.50 -16.54
C ALA A 292 24.28 -14.30 -15.72
N ALA A 293 23.76 -15.10 -14.79
CA ALA A 293 24.58 -15.89 -13.87
C ALA A 293 23.82 -17.10 -13.39
N SER A 294 24.57 -18.13 -12.98
CA SER A 294 23.98 -19.34 -12.42
C SER A 294 24.82 -19.73 -11.23
N ILE A 295 24.17 -20.01 -10.11
CA ILE A 295 24.86 -20.26 -8.86
C ILE A 295 24.38 -21.61 -8.33
N HIS A 296 25.30 -22.50 -8.02
CA HIS A 296 24.88 -23.77 -7.51
C HIS A 296 24.33 -23.57 -6.10
N ALA A 297 23.21 -24.20 -5.82
CA ALA A 297 22.56 -24.04 -4.55
C ALA A 297 22.11 -25.37 -3.96
N VAL A 298 21.99 -25.39 -2.63
CA VAL A 298 21.40 -26.54 -1.96
C VAL A 298 20.19 -26.07 -1.15
N VAL A 299 19.05 -26.74 -1.33
CA VAL A 299 17.84 -26.38 -0.59
C VAL A 299 17.97 -26.78 0.89
N LEU A 300 17.87 -25.80 1.76
CA LEU A 300 17.89 -26.02 3.20
C LEU A 300 16.48 -26.24 3.80
N LYS A 301 15.54 -25.32 3.54
CA LYS A 301 14.15 -25.56 3.91
C LYS A 301 13.12 -24.88 2.99
N THR A 302 11.85 -25.22 3.23
CA THR A 302 10.78 -24.92 2.30
C THR A 302 9.51 -24.60 3.09
N THR A 303 9.12 -23.33 3.08
CA THR A 303 7.95 -22.88 3.82
C THR A 303 6.92 -22.34 2.86
N PRO A 304 5.88 -23.14 2.59
CA PRO A 304 4.71 -22.79 1.79
C PRO A 304 4.01 -21.52 2.27
N LYS A 305 3.67 -20.62 1.36
CA LYS A 305 2.85 -19.43 1.67
C LYS A 305 1.72 -19.33 0.68
N ALA A 306 0.88 -18.31 0.81
CA ALA A 306 -0.25 -18.18 -0.11
C ALA A 306 0.15 -18.07 -1.60
N ARG A 307 1.10 -17.20 -1.91
CA ARG A 307 1.43 -16.94 -3.32
C ARG A 307 2.79 -17.45 -3.76
N HIS A 308 3.51 -18.10 -2.87
CA HIS A 308 4.83 -18.58 -3.20
C HIS A 308 5.35 -19.52 -2.13
N THR A 309 6.53 -20.08 -2.35
CA THR A 309 7.16 -20.82 -1.27
C THR A 309 8.39 -20.10 -0.82
N GLU A 310 8.57 -20.05 0.49
CA GLU A 310 9.76 -19.45 1.05
C GLU A 310 10.86 -20.53 1.12
N ILE A 311 11.93 -20.33 0.36
CA ILE A 311 13.00 -21.32 0.28
C ILE A 311 14.28 -20.75 0.87
N SER A 312 14.87 -21.50 1.81
CA SER A 312 16.20 -21.16 2.33
C SER A 312 17.20 -21.92 1.52
N LEU A 313 18.24 -21.21 1.08
CA LEU A 313 19.25 -21.79 0.22
C LEU A 313 20.66 -21.41 0.63
N ARG A 314 21.53 -22.41 0.67
CA ARG A 314 22.97 -22.19 0.76
C ARG A 314 23.51 -22.04 -0.65
N ALA A 315 23.91 -20.83 -1.04
CA ALA A 315 24.52 -20.62 -2.36
C ALA A 315 25.75 -19.75 -2.27
N GLY A 316 26.72 -20.03 -3.13
CA GLY A 316 28.03 -19.40 -3.01
C GLY A 316 28.43 -19.52 -1.55
N GLN A 317 28.80 -18.40 -0.95
CA GLN A 317 29.15 -18.39 0.46
C GLN A 317 28.18 -17.50 1.23
N THR A 318 26.89 -17.82 1.10
CA THR A 318 25.83 -17.17 1.85
C THR A 318 24.66 -18.13 2.08
N VAL A 319 23.79 -17.75 2.98
CA VAL A 319 22.47 -18.32 3.00
C VAL A 319 21.50 -17.24 2.56
N LEU A 320 20.69 -17.56 1.57
CA LEU A 320 19.74 -16.60 1.04
C LEU A 320 18.35 -17.16 1.30
N THR A 321 17.39 -16.28 1.52
CA THR A 321 16.02 -16.74 1.67
C THR A 321 15.15 -16.00 0.66
N LEU A 322 14.57 -16.77 -0.27
CA LEU A 322 13.82 -16.22 -1.37
C LEU A 322 12.38 -16.74 -1.43
N ASN A 323 11.49 -15.89 -1.92
CA ASN A 323 10.15 -16.28 -2.25
C ASN A 323 10.11 -16.61 -3.72
N LEU A 324 9.66 -17.81 -4.05
CA LEU A 324 9.73 -18.26 -5.43
C LEU A 324 8.56 -19.14 -5.75
N LEU A 330 9.97 -29.93 -4.20
CA LEU A 330 11.39 -29.77 -3.91
C LEU A 330 11.72 -30.28 -2.50
N SER A 331 12.59 -31.28 -2.43
CA SER A 331 12.97 -31.86 -1.15
C SER A 331 14.11 -31.07 -0.46
N ASP A 332 14.03 -30.95 0.86
CA ASP A 332 14.91 -30.04 1.59
C ASP A 332 16.30 -30.58 1.86
N GLY A 333 17.06 -30.76 0.79
CA GLY A 333 18.44 -31.22 0.82
C GLY A 333 18.91 -31.39 -0.61
N ILE A 334 18.00 -31.15 -1.55
CA ILE A 334 18.29 -31.28 -2.96
C ILE A 334 19.24 -30.18 -3.50
N SER A 335 19.90 -30.47 -4.60
CA SER A 335 20.76 -29.50 -5.26
C SER A 335 19.94 -28.82 -6.30
N ALA A 336 20.14 -27.52 -6.46
CA ALA A 336 19.47 -26.82 -7.54
C ALA A 336 20.32 -25.64 -7.99
N VAL A 337 19.92 -25.02 -9.08
CA VAL A 337 20.71 -23.91 -9.63
C VAL A 337 19.88 -22.62 -9.67
N LEU A 338 20.40 -21.57 -9.04
CA LEU A 338 19.75 -20.28 -9.03
C LEU A 338 20.15 -19.55 -10.28
N HIS A 339 19.17 -19.03 -11.00
CA HIS A 339 19.47 -18.19 -12.16
C HIS A 339 19.15 -16.76 -11.82
N LEU A 340 19.94 -15.87 -12.40
CA LEU A 340 19.75 -14.44 -12.27
C LEU A 340 19.51 -13.90 -13.67
N ASP A 341 18.35 -13.26 -13.85
CA ASP A 341 17.95 -12.74 -15.15
C ASP A 341 18.45 -11.29 -15.23
N GLY A 342 19.45 -11.05 -16.07
CA GLY A 342 19.98 -9.70 -16.28
C GLY A 342 21.01 -9.32 -15.23
N PRO A 343 21.77 -8.24 -15.45
CA PRO A 343 22.77 -7.84 -14.46
C PRO A 343 22.15 -7.24 -13.20
N ALA A 344 22.88 -7.33 -12.10
CA ALA A 344 22.57 -6.60 -10.88
C ALA A 344 23.01 -5.16 -11.04
N LEU A 345 22.52 -4.30 -10.16
CA LEU A 345 22.99 -2.92 -10.08
C LEU A 345 24.15 -2.85 -9.10
N PHE A 346 25.07 -1.92 -9.37
CA PHE A 346 26.23 -1.68 -8.52
C PHE A 346 26.34 -0.22 -8.19
N PHE A 347 26.52 0.05 -6.91
CA PHE A 347 26.56 1.40 -6.38
C PHE A 347 27.91 1.57 -5.69
N PRO A 348 28.80 2.40 -6.26
CA PRO A 348 30.11 2.68 -5.65
C PRO A 348 29.94 3.28 -4.27
N GLY A 349 30.82 2.93 -3.32
CA GLY A 349 30.62 3.33 -1.94
C GLY A 349 30.73 4.82 -1.66
CA THR B 2 -2.00 23.17 -16.89
C THR B 2 -0.95 24.24 -16.59
N ALA B 3 -0.67 24.45 -15.32
CA ALA B 3 0.29 25.43 -14.88
C ALA B 3 1.71 24.85 -14.89
N ALA B 4 2.69 25.70 -15.23
CA ALA B 4 4.09 25.46 -14.96
C ALA B 4 4.34 25.90 -13.50
N LEU B 5 5.35 25.28 -12.92
CA LEU B 5 5.80 25.65 -11.61
C LEU B 5 7.31 25.54 -11.61
N HIS B 6 7.98 26.48 -10.95
CA HIS B 6 9.40 26.30 -10.71
CA HIS B 6 9.41 26.37 -10.73
C HIS B 6 9.73 26.73 -9.27
N ILE B 7 10.54 25.92 -8.65
CA ILE B 7 11.00 26.07 -7.29
C ILE B 7 12.53 26.03 -7.42
N GLY B 8 13.18 27.05 -6.90
CA GLY B 8 14.61 27.18 -7.05
C GLY B 8 15.25 27.36 -5.69
N HIS B 9 16.16 26.45 -5.31
CA HIS B 9 16.97 26.59 -4.08
C HIS B 9 16.12 26.86 -2.83
N LEU B 10 15.05 26.10 -2.66
CA LEU B 10 14.12 26.46 -1.59
C LEU B 10 14.56 25.82 -0.26
N SER B 11 14.55 26.57 0.82
CA SER B 11 14.98 25.99 2.11
C SER B 11 14.00 26.38 3.17
N LYS B 12 13.88 25.55 4.20
CA LYS B 12 12.92 25.80 5.27
C LYS B 12 13.38 25.07 6.52
N SER B 13 13.37 25.81 7.63
CA SER B 13 13.71 25.35 8.97
C SER B 13 12.61 25.69 9.94
N PHE B 14 12.43 24.85 10.96
CA PHE B 14 11.56 25.21 12.10
C PHE B 14 12.46 25.39 13.29
N GLN B 15 12.58 26.59 13.85
CA GLN B 15 13.57 26.79 14.92
C GLN B 15 14.97 26.30 14.52
N ASN B 16 15.46 25.34 15.29
CA ASN B 16 16.79 24.80 15.04
C ASN B 16 16.68 23.63 14.08
N THR B 17 15.47 23.39 13.57
CA THR B 17 15.12 22.18 12.82
C THR B 17 15.04 22.42 11.31
N PRO B 18 16.10 22.10 10.58
CA PRO B 18 16.12 22.17 9.12
C PRO B 18 15.22 21.08 8.53
N VAL B 19 14.50 21.38 7.45
CA VAL B 19 13.53 20.44 6.90
CA VAL B 19 13.58 20.39 6.90
C VAL B 19 13.56 20.32 5.38
N LEU B 20 13.68 21.46 4.70
CA LEU B 20 13.85 21.48 3.24
C LEU B 20 15.20 22.12 3.01
N ASN B 21 16.04 21.45 2.27
CA ASN B 21 17.41 21.90 2.13
C ASN B 21 17.78 22.15 0.65
N ASP B 22 17.66 23.39 0.21
CA ASP B 22 18.14 23.81 -1.12
C ASP B 22 17.48 22.99 -2.23
N ILE B 23 16.16 22.88 -2.20
CA ILE B 23 15.37 22.12 -3.17
C ILE B 23 15.13 22.90 -4.45
N SER B 24 15.34 22.26 -5.60
CA SER B 24 14.96 22.83 -6.90
C SER B 24 14.13 21.78 -7.65
N LEU B 25 13.05 22.23 -8.28
CA LEU B 25 12.13 21.33 -8.92
C LEU B 25 11.29 22.17 -9.87
N SER B 26 11.05 21.62 -11.06
CA SER B 26 10.18 22.25 -12.06
C SER B 26 9.06 21.29 -12.34
N LEU B 27 7.93 21.81 -12.80
CA LEU B 27 6.84 21.02 -13.28
C LEU B 27 6.42 21.66 -14.62
N ASP B 28 6.39 20.84 -15.68
CA ASP B 28 5.92 21.31 -17.00
C ASP B 28 4.40 21.36 -17.06
N PRO B 29 3.84 22.26 -17.91
CA PRO B 29 2.41 22.28 -18.12
C PRO B 29 1.92 20.92 -18.55
N GLY B 30 0.87 20.44 -17.89
CA GLY B 30 0.26 19.15 -18.22
C GLY B 30 0.97 17.96 -17.61
N GLU B 31 2.10 18.20 -16.96
CA GLU B 31 2.90 17.10 -16.38
C GLU B 31 2.23 16.51 -15.09
N ILE B 32 2.31 15.19 -14.92
CA ILE B 32 1.93 14.55 -13.64
C ILE B 32 3.22 14.16 -12.94
N LEU B 33 3.53 14.88 -11.88
CA LEU B 33 4.75 14.63 -11.12
C LEU B 33 4.36 13.88 -9.83
N PHE B 34 5.11 12.82 -9.49
CA PHE B 34 4.96 12.15 -8.17
C PHE B 34 6.17 12.48 -7.30
N ILE B 35 5.89 12.83 -6.06
CA ILE B 35 6.96 13.06 -5.07
C ILE B 35 6.85 11.95 -4.04
N ILE B 36 7.95 11.21 -3.83
CA ILE B 36 7.95 10.08 -2.91
C ILE B 36 9.19 10.16 -2.03
N GLY B 37 9.12 9.51 -0.87
CA GLY B 37 10.26 9.47 0.03
C GLY B 37 9.87 9.10 1.42
N ALA B 38 10.89 8.82 2.23
CA ALA B 38 10.69 8.26 3.55
C ALA B 38 9.87 9.19 4.47
N SER B 39 9.13 8.59 5.40
CA SER B 39 8.41 9.37 6.42
C SER B 39 9.30 10.46 7.03
N GLY B 40 8.83 11.67 7.03
CA GLY B 40 9.57 12.78 7.61
C GLY B 40 10.52 13.49 6.68
N CYS B 41 10.63 13.08 5.40
CA CYS B 41 11.57 13.68 4.47
C CYS B 41 11.25 15.12 3.96
N GLY B 42 10.02 15.62 4.17
CA GLY B 42 9.65 17.01 3.83
C GLY B 42 8.58 17.16 2.74
N LYS B 43 7.89 16.09 2.34
CA LYS B 43 6.94 16.20 1.22
C LYS B 43 5.83 17.18 1.48
N THR B 44 5.13 16.99 2.60
CA THR B 44 4.00 17.91 2.96
C THR B 44 4.49 19.31 3.21
N THR B 45 5.64 19.46 3.83
CA THR B 45 6.19 20.82 4.03
C THR B 45 6.41 21.51 2.65
N LEU B 46 6.96 20.80 1.66
CA LEU B 46 7.14 21.34 0.31
C LEU B 46 5.80 21.84 -0.26
N LEU B 47 4.78 20.97 -0.23
CA LEU B 47 3.48 21.36 -0.75
C LEU B 47 2.91 22.58 -0.02
N ARG B 48 3.09 22.61 1.29
CA ARG B 48 2.57 23.73 2.08
CA ARG B 48 2.60 23.74 2.13
C ARG B 48 3.31 25.03 1.75
N CYS B 49 4.60 24.90 1.43
CA CYS B 49 5.37 26.07 1.00
C CYS B 49 4.86 26.60 -0.37
N LEU B 50 4.57 25.70 -1.29
CA LEU B 50 4.02 26.08 -2.60
CA LEU B 50 4.02 26.07 -2.59
C LEU B 50 2.65 26.74 -2.48
N ALA B 51 1.78 26.19 -1.63
CA ALA B 51 0.43 26.70 -1.46
C ALA B 51 0.36 27.97 -0.58
N GLY B 52 1.48 28.32 0.04
CA GLY B 52 1.54 29.48 0.94
C GLY B 52 1.10 29.27 2.37
N PHE B 53 0.92 28.01 2.80
CA PHE B 53 0.64 27.72 4.24
C PHE B 53 1.89 27.71 5.08
N GLU B 54 3.03 27.59 4.44
CA GLU B 54 4.27 27.65 5.17
C GLU B 54 5.11 28.66 4.43
N GLN B 55 5.91 29.42 5.18
CA GLN B 55 6.77 30.43 4.57
C GLN B 55 8.22 29.94 4.52
N PRO B 56 8.78 29.74 3.31
CA PRO B 56 10.16 29.28 3.19
C PRO B 56 11.12 30.31 3.77
N ASP B 57 12.31 29.92 4.18
CA ASP B 57 13.17 31.01 4.65
C ASP B 57 14.17 31.46 3.61
N SER B 58 14.24 30.74 2.49
CA SER B 58 14.97 31.29 1.33
C SER B 58 14.60 30.52 0.07
N GLY B 59 14.99 31.05 -1.08
CA GLY B 59 14.68 30.41 -2.38
C GLY B 59 13.57 31.11 -3.10
N GLU B 60 13.18 30.58 -4.25
CA GLU B 60 12.13 31.15 -5.07
C GLU B 60 11.08 30.13 -5.55
N ILE B 61 9.87 30.61 -5.75
CA ILE B 61 8.78 29.85 -6.31
C ILE B 61 8.00 30.68 -7.30
N SER B 62 7.84 30.13 -8.50
CA SER B 62 7.01 30.80 -9.49
C SER B 62 5.97 29.83 -10.02
N LEU B 63 4.82 30.37 -10.35
CA LEU B 63 3.68 29.56 -10.80
C LEU B 63 3.15 30.17 -12.10
N SER B 64 3.02 29.35 -13.14
CA SER B 64 2.69 29.86 -14.49
C SER B 64 3.26 31.23 -14.82
N GLY B 65 4.56 31.36 -14.66
CA GLY B 65 5.28 32.52 -15.12
C GLY B 65 5.27 33.71 -14.18
N LYS B 66 4.62 33.56 -13.04
CA LYS B 66 4.53 34.64 -12.06
C LYS B 66 5.24 34.25 -10.76
N THR B 67 6.16 35.10 -10.31
CA THR B 67 6.85 34.83 -9.05
C THR B 67 5.82 34.86 -7.94
N ILE B 68 5.77 33.85 -7.08
CA ILE B 68 4.84 33.97 -5.98
C ILE B 68 5.56 34.05 -4.65
N PHE B 69 6.82 33.65 -4.65
CA PHE B 69 7.67 33.77 -3.46
C PHE B 69 9.13 34.04 -3.85
N SER B 70 9.79 34.92 -3.12
CA SER B 70 11.21 35.17 -3.39
C SER B 70 11.65 36.24 -2.39
N LYS B 71 12.90 36.67 -2.51
CA LYS B 71 13.40 37.71 -1.61
C LYS B 71 12.53 38.95 -1.52
N ASN B 72 11.71 39.22 -2.52
CA ASN B 72 10.90 40.42 -2.44
C ASN B 72 9.42 40.23 -2.72
N THR B 73 8.95 38.99 -2.59
CA THR B 73 7.56 38.70 -2.82
C THR B 73 7.11 37.53 -1.94
N ASN B 74 5.84 37.53 -1.56
CA ASN B 74 5.28 36.45 -0.75
C ASN B 74 3.77 36.55 -0.83
N LEU B 75 3.18 35.98 -1.88
CA LEU B 75 1.77 36.17 -2.13
C LEU B 75 0.94 35.37 -1.13
N PRO B 76 -0.19 35.96 -0.70
CA PRO B 76 -1.14 35.29 0.16
C PRO B 76 -1.70 34.05 -0.53
N VAL B 77 -2.15 33.11 0.30
CA VAL B 77 -2.74 31.88 -0.19
C VAL B 77 -3.79 32.16 -1.24
N ARG B 78 -4.59 33.19 -0.97
CA ARG B 78 -5.66 33.58 -1.86
C ARG B 78 -5.17 33.98 -3.23
N GLU B 79 -3.92 34.41 -3.36
CA GLU B 79 -3.46 34.86 -4.68
C GLU B 79 -2.69 33.76 -5.44
N ARG B 80 -2.74 32.55 -4.93
CA ARG B 80 -1.98 31.47 -5.54
C ARG B 80 -2.96 30.55 -6.21
N ARG B 81 -2.98 30.59 -7.54
CA ARG B 81 -3.98 29.86 -8.30
CA ARG B 81 -3.99 29.85 -8.29
C ARG B 81 -3.62 28.38 -8.42
N LEU B 82 -3.91 27.62 -7.35
CA LEU B 82 -3.73 26.17 -7.36
C LEU B 82 -4.69 25.51 -6.40
N GLY B 83 -4.96 24.23 -6.64
CA GLY B 83 -5.76 23.44 -5.70
C GLY B 83 -4.83 22.61 -4.84
N TYR B 84 -5.26 22.29 -3.61
CA TYR B 84 -4.37 21.57 -2.65
C TYR B 84 -5.20 20.74 -1.71
N LEU B 85 -5.22 19.43 -2.01
CA LEU B 85 -5.81 18.42 -1.12
C LEU B 85 -4.78 18.07 -0.03
N VAL B 86 -5.10 18.47 1.20
CA VAL B 86 -4.25 18.31 2.39
C VAL B 86 -4.26 16.82 2.78
N GLN B 87 -3.15 16.31 3.34
CA GLN B 87 -3.08 14.90 3.79
C GLN B 87 -4.19 14.55 4.78
N GLU B 88 -4.44 15.39 5.76
CA GLU B 88 -5.65 15.22 6.64
C GLU B 88 -7.01 15.14 5.97
N GLY B 89 -7.12 15.73 4.78
CA GLY B 89 -8.43 15.85 4.09
C GLY B 89 -9.61 16.22 5.00
N VAL B 90 -9.45 17.21 5.91
CA VAL B 90 -10.55 17.64 6.81
C VAL B 90 -11.74 18.37 6.13
N LEU B 91 -12.93 17.82 6.24
CA LEU B 91 -14.15 18.38 5.62
C LEU B 91 -14.87 19.32 6.58
N PHE B 92 -15.70 20.23 6.09
CA PHE B 92 -16.48 21.09 7.00
C PHE B 92 -17.54 20.26 7.73
N PRO B 93 -17.43 20.19 9.07
CA PRO B 93 -18.28 19.27 9.84
C PRO B 93 -19.80 19.52 9.77
N HIS B 94 -20.20 20.76 9.53
CA HIS B 94 -21.60 21.17 9.57
C HIS B 94 -22.14 21.35 8.16
N LEU B 95 -21.36 20.87 7.19
CA LEU B 95 -21.87 20.70 5.82
C LEU B 95 -22.01 19.24 5.36
N THR B 96 -23.04 19.05 4.57
CA THR B 96 -23.35 17.80 3.91
C THR B 96 -22.16 17.44 2.94
N VAL B 97 -22.03 16.17 2.53
CA VAL B 97 -21.04 15.83 1.49
C VAL B 97 -21.26 16.70 0.28
N TYR B 98 -22.53 16.82 -0.14
CA TYR B 98 -22.85 17.63 -1.31
C TYR B 98 -22.35 19.05 -1.16
N ARG B 99 -22.65 19.66 -0.03
CA ARG B 99 -22.26 21.04 0.19
C ARG B 99 -20.73 21.19 0.38
N ASN B 100 -20.07 20.16 0.92
CA ASN B 100 -18.59 20.17 0.94
C ASN B 100 -18.02 20.23 -0.47
N ILE B 101 -18.52 19.39 -1.35
CA ILE B 101 -18.06 19.39 -2.72
C ILE B 101 -18.43 20.68 -3.46
N ALA B 102 -19.57 21.25 -3.09
CA ALA B 102 -20.04 22.47 -3.73
C ALA B 102 -19.22 23.68 -3.34
N TYR B 103 -18.52 23.58 -2.22
CA TYR B 103 -17.85 24.72 -1.60
C TYR B 103 -16.95 25.54 -2.52
N GLY B 104 -16.12 24.91 -3.33
CA GLY B 104 -15.19 25.67 -4.16
C GLY B 104 -15.71 26.08 -5.54
N LEU B 105 -17.00 25.84 -5.81
CA LEU B 105 -17.60 26.27 -7.09
C LEU B 105 -18.47 27.49 -6.86
N GLY B 106 -18.26 28.58 -7.62
CA GLY B 106 -19.07 29.81 -7.49
C GLY B 106 -19.28 30.32 -6.07
N ASN B 107 -20.54 30.60 -5.72
CA ASN B 107 -20.83 31.13 -4.40
C ASN B 107 -20.81 30.10 -3.29
N GLY B 108 -20.57 28.84 -3.65
CA GLY B 108 -20.34 27.77 -2.66
C GLY B 108 -21.56 26.95 -2.27
N LYS B 109 -22.72 27.36 -2.75
CA LYS B 109 -23.98 26.79 -2.30
C LYS B 109 -24.50 25.62 -3.18
N GLY B 110 -23.95 25.45 -4.37
CA GLY B 110 -24.32 24.29 -5.19
C GLY B 110 -25.80 24.28 -5.60
N ARG B 111 -26.40 25.47 -5.69
CA ARG B 111 -27.81 25.62 -6.10
C ARG B 111 -28.05 25.62 -7.60
N THR B 112 -27.02 25.83 -8.41
CA THR B 112 -27.21 25.99 -9.84
CA THR B 112 -27.23 25.98 -9.86
C THR B 112 -27.16 24.64 -10.55
N ALA B 113 -27.82 24.55 -11.71
CA ALA B 113 -27.83 23.25 -12.36
C ALA B 113 -26.43 22.87 -12.73
N GLN B 114 -25.60 23.84 -13.06
CA GLN B 114 -24.26 23.50 -13.57
C GLN B 114 -23.37 22.99 -12.46
N GLU B 115 -23.53 23.60 -11.29
CA GLU B 115 -22.90 23.10 -10.08
C GLU B 115 -23.39 21.68 -9.72
N ARG B 116 -24.71 21.47 -9.75
CA ARG B 116 -25.26 20.17 -9.46
C ARG B 116 -24.62 19.11 -10.35
N GLN B 117 -24.51 19.41 -11.65
CA GLN B 117 -23.96 18.43 -12.54
C GLN B 117 -22.46 18.16 -12.27
N ARG B 118 -21.67 19.20 -11.97
CA ARG B 118 -20.27 18.94 -11.66
C ARG B 118 -20.12 18.14 -10.35
N ILE B 119 -20.93 18.45 -9.34
CA ILE B 119 -20.86 17.77 -8.06
C ILE B 119 -21.23 16.33 -8.24
N GLU B 120 -22.30 16.06 -8.98
CA GLU B 120 -22.67 14.65 -9.23
C GLU B 120 -21.58 13.88 -9.99
N ALA B 121 -20.88 14.54 -10.90
CA ALA B 121 -19.82 13.88 -11.65
C ALA B 121 -18.63 13.52 -10.73
N MET B 122 -18.38 14.36 -9.75
CA MET B 122 -17.33 14.06 -8.75
C MET B 122 -17.79 12.90 -7.86
N LEU B 123 -19.10 12.83 -7.54
CA LEU B 123 -19.63 11.78 -6.70
C LEU B 123 -19.57 10.45 -7.46
N GLU B 124 -19.87 10.48 -8.75
CA GLU B 124 -19.80 9.26 -9.53
C GLU B 124 -18.36 8.79 -9.69
N LEU B 125 -17.44 9.70 -9.98
CA LEU B 125 -16.01 9.30 -10.13
C LEU B 125 -15.53 8.61 -8.87
N THR B 126 -15.94 9.15 -7.73
CA THR B 126 -15.41 8.62 -6.47
C THR B 126 -16.25 7.57 -5.83
N GLY B 127 -17.45 7.31 -6.38
CA GLY B 127 -18.25 6.17 -5.93
C GLY B 127 -19.01 6.44 -4.65
N ILE B 128 -19.34 7.70 -4.40
CA ILE B 128 -20.03 8.01 -3.14
C ILE B 128 -21.36 8.73 -3.42
N SER B 129 -21.98 8.48 -4.60
CA SER B 129 -23.27 9.20 -4.90
C SER B 129 -24.32 9.01 -3.84
N GLU B 130 -24.39 7.83 -3.24
CA GLU B 130 -25.41 7.56 -2.23
C GLU B 130 -25.20 8.27 -0.90
N LEU B 131 -24.06 8.98 -0.74
CA LEU B 131 -23.70 9.58 0.54
C LEU B 131 -23.76 11.11 0.50
N ALA B 132 -24.38 11.64 -0.55
CA ALA B 132 -24.43 13.08 -0.80
C ALA B 132 -25.04 13.85 0.35
N GLY B 133 -25.95 13.22 1.07
CA GLY B 133 -26.65 13.92 2.16
C GLY B 133 -26.08 13.59 3.52
N ARG B 134 -25.04 12.76 3.56
CA ARG B 134 -24.32 12.54 4.82
C ARG B 134 -23.52 13.72 5.34
N TYR B 135 -23.32 13.80 6.65
CA TYR B 135 -22.38 14.74 7.17
C TYR B 135 -21.06 13.97 7.40
N PRO B 136 -19.96 14.71 7.51
CA PRO B 136 -18.69 13.95 7.53
C PRO B 136 -18.55 12.96 8.70
N HIS B 137 -19.20 13.24 9.84
CA HIS B 137 -19.12 12.37 11.00
C HIS B 137 -19.89 11.08 10.73
N GLU B 138 -20.63 11.07 9.63
CA GLU B 138 -21.45 9.94 9.28
C GLU B 138 -20.79 9.03 8.20
N LEU B 139 -19.48 9.17 8.02
CA LEU B 139 -18.76 8.49 6.95
C LEU B 139 -17.61 7.62 7.49
N SER B 140 -17.29 6.55 6.77
CA SER B 140 -16.07 5.78 7.04
C SER B 140 -14.83 6.57 6.63
N GLY B 141 -13.64 6.06 7.02
CA GLY B 141 -12.39 6.81 6.69
C GLY B 141 -12.17 6.98 5.18
N GLY B 142 -12.44 5.96 4.40
CA GLY B 142 -12.18 6.02 2.95
C GLY B 142 -13.30 6.80 2.27
N GLN B 143 -14.50 6.81 2.89
CA GLN B 143 -15.58 7.62 2.32
C GLN B 143 -15.29 9.12 2.57
N GLN B 144 -14.83 9.45 3.77
CA GLN B 144 -14.36 10.83 4.02
C GLN B 144 -13.22 11.26 3.10
N GLN B 145 -12.24 10.38 2.92
CA GLN B 145 -11.15 10.65 1.95
C GLN B 145 -11.69 10.91 0.53
N ARG B 146 -12.64 10.13 0.07
CA ARG B 146 -13.15 10.39 -1.27
C ARG B 146 -13.98 11.67 -1.40
N ALA B 147 -14.73 12.01 -0.36
CA ALA B 147 -15.40 13.29 -0.39
C ALA B 147 -14.39 14.44 -0.44
N ALA B 148 -13.27 14.35 0.32
CA ALA B 148 -12.29 15.47 0.31
C ALA B 148 -11.66 15.59 -1.06
N LEU B 149 -11.38 14.43 -1.66
CA LEU B 149 -10.83 14.40 -3.01
C LEU B 149 -11.80 15.05 -4.00
N ALA B 150 -13.07 14.65 -3.92
CA ALA B 150 -14.10 15.25 -4.81
C ALA B 150 -14.19 16.76 -4.65
N ARG B 151 -14.11 17.25 -3.42
CA ARG B 151 -14.16 18.70 -3.18
CA ARG B 151 -14.15 18.69 -3.13
C ARG B 151 -12.97 19.44 -3.75
N ALA B 152 -11.80 18.82 -3.70
CA ALA B 152 -10.58 19.40 -4.28
C ALA B 152 -10.64 19.38 -5.77
N LEU B 153 -11.21 18.32 -6.34
CA LEU B 153 -11.20 18.17 -7.77
C LEU B 153 -12.29 18.99 -8.46
N ALA B 154 -13.35 19.27 -7.71
CA ALA B 154 -14.58 19.90 -8.31
C ALA B 154 -14.25 21.13 -9.16
N PRO B 155 -13.51 22.11 -8.60
CA PRO B 155 -13.20 23.36 -9.33
C PRO B 155 -12.24 23.19 -10.49
N ASP B 156 -11.64 22.00 -10.57
CA ASP B 156 -10.75 21.64 -11.70
C ASP B 156 -9.63 22.70 -11.93
N PRO B 157 -8.83 22.97 -10.90
CA PRO B 157 -7.75 23.94 -11.04
C PRO B 157 -6.71 23.54 -12.09
N GLU B 158 -5.96 24.53 -12.62
CA GLU B 158 -4.94 24.25 -13.67
C GLU B 158 -3.74 23.47 -13.07
N LEU B 159 -3.52 23.69 -11.79
CA LEU B 159 -2.54 22.90 -11.04
C LEU B 159 -3.20 22.33 -9.79
N ILE B 160 -3.06 21.03 -9.51
CA ILE B 160 -3.62 20.48 -8.25
C ILE B 160 -2.51 19.68 -7.52
N LEU B 161 -2.46 19.86 -6.22
CA LEU B 161 -1.45 19.24 -5.37
C LEU B 161 -2.26 18.23 -4.55
N LEU B 162 -1.95 16.94 -4.69
CA LEU B 162 -2.68 15.90 -3.99
C LEU B 162 -1.79 15.14 -3.02
N ASP B 163 -2.02 15.38 -1.74
CA ASP B 163 -1.18 14.81 -0.68
C ASP B 163 -1.84 13.57 -0.13
N GLU B 164 -1.43 12.44 -0.68
CA GLU B 164 -1.96 11.12 -0.31
C GLU B 164 -3.45 11.04 -0.44
N PRO B 165 -3.93 11.23 -1.70
CA PRO B 165 -5.38 11.30 -1.92
C PRO B 165 -6.10 9.95 -1.78
N PHE B 166 -5.36 8.84 -1.77
CA PHE B 166 -5.98 7.51 -1.93
C PHE B 166 -5.58 6.52 -0.82
N SER B 167 -4.88 7.00 0.21
CA SER B 167 -4.16 6.08 1.10
C SER B 167 -5.10 5.28 1.98
N ALA B 168 -6.36 5.67 2.10
CA ALA B 168 -7.30 4.93 2.96
C ALA B 168 -8.13 3.93 2.15
N LEU B 169 -7.85 3.79 0.85
CA LEU B 169 -8.76 3.07 -0.07
C LEU B 169 -8.28 1.69 -0.42
N ASP B 170 -9.17 0.70 -0.42
CA ASP B 170 -8.77 -0.66 -0.77
C ASP B 170 -8.26 -0.67 -2.22
N GLU B 171 -7.46 -1.67 -2.57
CA GLU B 171 -6.73 -1.65 -3.85
C GLU B 171 -7.61 -1.47 -5.12
N GLN B 172 -8.69 -2.24 -5.23
CA GLN B 172 -9.51 -2.16 -6.46
C GLN B 172 -10.14 -0.77 -6.63
N LEU B 173 -10.58 -0.21 -5.51
CA LEU B 173 -11.20 1.09 -5.46
C LEU B 173 -10.17 2.15 -5.86
N ARG B 174 -8.99 2.09 -5.26
CA ARG B 174 -7.94 3.07 -5.57
C ARG B 174 -7.58 2.98 -7.03
N ARG B 175 -7.50 1.76 -7.53
CA ARG B 175 -7.14 1.56 -8.94
C ARG B 175 -8.11 2.16 -9.92
N GLN B 176 -9.39 2.05 -9.64
CA GLN B 176 -10.42 2.64 -10.55
C GLN B 176 -10.41 4.15 -10.48
N ILE B 177 -10.44 4.70 -9.28
CA ILE B 177 -10.45 6.14 -9.16
C ILE B 177 -9.20 6.75 -9.78
N ARG B 178 -8.03 6.18 -9.48
CA ARG B 178 -6.77 6.71 -9.96
C ARG B 178 -6.71 6.76 -11.48
N GLU B 179 -7.15 5.68 -12.11
CA GLU B 179 -7.11 5.64 -13.57
CA GLU B 179 -7.16 5.57 -13.56
C GLU B 179 -8.08 6.65 -14.16
N ASP B 180 -9.31 6.73 -13.64
CA ASP B 180 -10.33 7.58 -14.23
C ASP B 180 -9.90 9.02 -14.01
N MET B 181 -9.47 9.31 -12.80
CA MET B 181 -9.06 10.67 -12.47
C MET B 181 -7.84 11.14 -13.29
N ILE B 182 -6.80 10.33 -13.35
CA ILE B 182 -5.63 10.79 -14.05
C ILE B 182 -5.84 10.89 -15.56
N ALA B 183 -6.61 9.96 -16.14
CA ALA B 183 -6.97 10.10 -17.55
C ALA B 183 -7.63 11.44 -17.81
N ALA B 184 -8.56 11.82 -16.94
CA ALA B 184 -9.34 13.00 -17.10
C ALA B 184 -8.47 14.28 -16.93
N LEU B 185 -7.52 14.25 -15.99
CA LEU B 185 -6.57 15.37 -15.82
C LEU B 185 -5.76 15.51 -17.12
N ARG B 186 -5.25 14.38 -17.61
CA ARG B 186 -4.45 14.43 -18.79
C ARG B 186 -5.27 14.91 -20.02
N ALA B 187 -6.49 14.37 -20.15
CA ALA B 187 -7.36 14.77 -21.27
C ALA B 187 -7.55 16.28 -21.30
N ASN B 188 -7.58 16.88 -20.12
CA ASN B 188 -7.86 18.29 -20.00
C ASN B 188 -6.63 19.16 -19.86
N GLY B 189 -5.45 18.58 -20.04
CA GLY B 189 -4.22 19.39 -20.06
C GLY B 189 -3.84 19.90 -18.68
N LYS B 190 -4.36 19.28 -17.63
CA LYS B 190 -4.11 19.74 -16.26
C LYS B 190 -2.76 19.30 -15.71
N SER B 191 -2.13 20.13 -14.86
CA SER B 191 -0.86 19.73 -14.21
C SER B 191 -1.17 19.24 -12.79
N ALA B 192 -0.42 18.24 -12.33
CA ALA B 192 -0.69 17.66 -10.96
C ALA B 192 0.57 17.21 -10.28
N VAL B 193 0.62 17.41 -8.98
CA VAL B 193 1.67 16.83 -8.18
C VAL B 193 1.01 15.90 -7.18
N PHE B 194 1.39 14.63 -7.23
CA PHE B 194 0.89 13.62 -6.33
C PHE B 194 1.93 13.25 -5.30
N VAL B 195 1.55 13.19 -4.03
CA VAL B 195 2.47 12.53 -3.05
C VAL B 195 1.90 11.15 -2.90
N SER B 196 2.77 10.13 -2.94
CA SER B 196 2.33 8.75 -2.82
C SER B 196 3.45 7.93 -2.14
N HIS B 197 3.14 6.80 -1.49
CA HIS B 197 4.18 5.86 -1.11
C HIS B 197 3.88 4.48 -1.74
N ASP B 198 3.04 4.47 -2.80
CA ASP B 198 2.72 3.24 -3.51
C ASP B 198 3.65 3.19 -4.74
N ARG B 199 4.63 2.30 -4.68
CA ARG B 199 5.64 2.26 -5.71
C ARG B 199 5.07 1.96 -7.08
N GLU B 200 4.10 1.05 -7.15
CA GLU B 200 3.54 0.69 -8.44
CA GLU B 200 3.46 0.67 -8.40
C GLU B 200 2.73 1.82 -9.05
N GLU B 201 1.99 2.53 -8.21
CA GLU B 201 1.25 3.68 -8.63
C GLU B 201 2.15 4.73 -9.29
N ALA B 202 3.23 5.14 -8.62
CA ALA B 202 4.18 6.09 -9.16
C ALA B 202 4.78 5.59 -10.50
N LEU B 203 5.27 4.36 -10.53
CA LEU B 203 5.87 3.80 -11.75
C LEU B 203 4.91 3.77 -12.95
N GLN B 204 3.63 3.58 -12.64
CA GLN B 204 2.63 3.43 -13.69
C GLN B 204 2.14 4.76 -14.23
N TYR B 205 1.94 5.74 -13.33
CA TYR B 205 1.28 7.01 -13.68
C TYR B 205 2.12 8.30 -13.79
N ALA B 206 3.28 8.30 -13.13
CA ALA B 206 4.13 9.49 -13.15
C ALA B 206 4.78 9.68 -14.51
N ASP B 207 4.76 10.92 -14.99
CA ASP B 207 5.71 11.37 -16.01
C ASP B 207 7.15 11.39 -15.46
N ARG B 208 7.28 11.94 -14.23
CA ARG B 208 8.56 11.96 -13.56
C ARG B 208 8.27 11.75 -12.09
N ILE B 209 9.28 11.23 -11.41
CA ILE B 209 9.18 10.97 -9.97
C ILE B 209 10.33 11.70 -9.32
N ALA B 210 10.03 12.49 -8.30
CA ALA B 210 11.05 13.09 -7.48
C ALA B 210 11.14 12.32 -6.15
N VAL B 211 12.31 11.72 -5.91
CA VAL B 211 12.56 11.00 -4.68
C VAL B 211 13.28 11.90 -3.70
N MET B 212 12.70 12.12 -2.52
CA MET B 212 13.29 12.99 -1.52
C MET B 212 13.90 12.15 -0.38
N LYS B 213 14.89 12.73 0.31
CA LYS B 213 15.43 12.13 1.51
C LYS B 213 15.99 13.32 2.31
N GLN B 214 15.61 13.40 3.58
CA GLN B 214 16.07 14.46 4.49
C GLN B 214 16.05 15.85 3.89
N GLY B 215 14.93 16.24 3.30
CA GLY B 215 14.82 17.57 2.78
C GLY B 215 15.49 17.86 1.43
N ARG B 216 16.11 16.87 0.78
CA ARG B 216 16.73 17.10 -0.51
C ARG B 216 16.11 16.19 -1.55
N ILE B 217 16.35 16.49 -2.82
CA ILE B 217 15.92 15.60 -3.87
CA ILE B 217 15.94 15.66 -3.94
C ILE B 217 17.09 14.72 -4.29
N LEU B 218 16.94 13.42 -4.10
CA LEU B 218 18.02 12.49 -4.51
C LEU B 218 18.06 12.34 -6.02
N GLN B 219 16.90 12.39 -6.65
CA GLN B 219 16.78 12.15 -8.07
C GLN B 219 15.39 12.53 -8.54
N THR B 220 15.32 13.15 -9.72
CA THR B 220 14.04 13.34 -10.37
CA THR B 220 14.04 13.34 -10.36
C THR B 220 14.19 12.74 -11.75
N ALA B 221 13.40 11.72 -12.03
CA ALA B 221 13.56 11.08 -13.32
C ALA B 221 12.25 10.43 -13.76
N SER B 222 12.19 9.97 -15.01
CA SER B 222 11.07 9.13 -15.48
C SER B 222 11.04 7.81 -14.68
N PRO B 223 9.89 7.14 -14.63
CA PRO B 223 9.80 5.87 -13.92
C PRO B 223 10.85 4.86 -14.48
N HIS B 224 10.99 4.78 -15.79
CA HIS B 224 11.97 3.85 -16.38
C HIS B 224 13.41 4.20 -15.92
N GLU B 225 13.76 5.47 -15.96
CA GLU B 225 15.11 5.84 -15.51
C GLU B 225 15.37 5.68 -14.01
N LEU B 226 14.37 6.03 -13.20
CA LEU B 226 14.48 5.80 -11.77
C LEU B 226 14.67 4.32 -11.43
N TYR B 227 13.90 3.46 -12.07
CA TYR B 227 13.93 2.04 -11.67
C TYR B 227 15.19 1.34 -12.17
N ARG B 228 15.59 1.65 -13.39
CA ARG B 228 16.70 0.95 -14.04
C ARG B 228 18.02 1.66 -13.93
N GLN B 229 17.97 2.95 -13.70
CA GLN B 229 19.18 3.70 -13.49
CA GLN B 229 19.17 3.73 -13.52
C GLN B 229 19.10 4.60 -12.27
N PRO B 230 18.82 4.01 -11.11
CA PRO B 230 18.69 4.85 -9.91
C PRO B 230 20.02 5.58 -9.60
N ALA B 231 19.94 6.80 -9.12
CA ALA B 231 21.14 7.59 -8.82
C ALA B 231 21.96 7.07 -7.64
N ASP B 232 21.27 6.47 -6.66
CA ASP B 232 21.82 6.11 -5.28
C ASP B 232 21.23 4.79 -4.95
N LEU B 233 21.88 4.14 -3.99
CA LEU B 233 21.33 2.94 -3.43
C LEU B 233 20.02 3.27 -2.66
N ASP B 234 19.97 4.46 -2.05
CA ASP B 234 18.74 4.86 -1.32
C ASP B 234 17.57 5.02 -2.26
N ALA B 235 17.81 5.64 -3.40
CA ALA B 235 16.77 5.74 -4.41
C ALA B 235 16.32 4.37 -4.91
N ALA B 236 17.30 3.49 -5.16
CA ALA B 236 16.99 2.14 -5.65
C ALA B 236 16.12 1.36 -4.70
N LEU B 237 16.44 1.42 -3.39
CA LEU B 237 15.66 0.70 -2.37
C LEU B 237 14.32 1.37 -2.13
N PHE B 238 14.25 2.69 -2.32
CA PHE B 238 12.94 3.31 -2.15
C PHE B 238 11.94 2.84 -3.23
N ILE B 239 12.39 2.74 -4.47
CA ILE B 239 11.48 2.46 -5.55
C ILE B 239 11.11 0.98 -5.70
N GLY B 240 11.85 0.10 -5.06
CA GLY B 240 11.56 -1.31 -5.12
C GLY B 240 12.33 -2.11 -4.11
N GLU B 241 11.83 -3.31 -3.81
CA GLU B 241 12.54 -4.30 -3.00
C GLU B 241 13.89 -4.63 -3.62
N GLY B 242 14.93 -4.84 -2.80
CA GLY B 242 16.15 -5.31 -3.37
C GLY B 242 16.93 -6.10 -2.34
N ILE B 243 17.80 -6.95 -2.82
CA ILE B 243 18.62 -7.81 -1.98
C ILE B 243 20.03 -7.30 -2.21
N VAL B 244 20.69 -6.88 -1.14
CA VAL B 244 21.96 -6.18 -1.30
C VAL B 244 23.13 -6.92 -0.69
N PHE B 245 24.31 -6.82 -1.32
CA PHE B 245 25.55 -7.41 -0.80
C PHE B 245 26.73 -6.42 -0.97
N PRO B 246 27.66 -6.37 0.00
CA PRO B 246 28.92 -5.68 -0.26
C PRO B 246 29.56 -6.31 -1.49
N ALA B 247 30.23 -5.50 -2.30
CA ALA B 247 30.75 -5.93 -3.57
C ALA B 247 31.99 -5.18 -4.04
N ALA B 248 32.77 -5.88 -4.86
CA ALA B 248 34.01 -5.35 -5.37
C ALA B 248 33.91 -5.45 -6.87
N LEU B 249 34.12 -4.35 -7.57
CA LEU B 249 33.93 -4.34 -9.00
C LEU B 249 35.17 -4.89 -9.72
N ASN B 250 34.92 -5.67 -10.76
CA ASN B 250 35.96 -6.26 -11.58
C ASN B 250 36.01 -5.52 -12.91
N ALA B 251 36.90 -5.91 -13.79
CA ALA B 251 37.09 -5.12 -14.99
C ALA B 251 36.24 -5.64 -16.15
N ASP B 252 35.65 -6.82 -15.97
CA ASP B 252 34.98 -7.51 -17.06
C ASP B 252 33.47 -7.35 -16.94
N GLY B 253 33.02 -6.34 -16.22
CA GLY B 253 31.59 -6.13 -16.08
C GLY B 253 30.91 -6.99 -15.03
N THR B 254 31.69 -7.65 -14.17
CA THR B 254 31.14 -8.33 -13.02
C THR B 254 31.62 -7.70 -11.72
N ALA B 255 31.02 -8.10 -10.60
CA ALA B 255 31.52 -7.73 -9.28
C ALA B 255 31.52 -8.98 -8.41
N ASP B 256 32.44 -9.06 -7.44
CA ASP B 256 32.46 -10.18 -6.50
C ASP B 256 31.65 -9.82 -5.25
N CYS B 257 30.91 -10.78 -4.72
CA CYS B 257 30.18 -10.62 -3.45
C CYS B 257 30.05 -12.04 -2.86
N ARG B 258 29.49 -12.18 -1.66
CA ARG B 258 29.45 -13.53 -1.06
C ARG B 258 28.73 -14.52 -1.96
N LEU B 259 27.71 -14.03 -2.68
CA LEU B 259 26.87 -14.91 -3.48
C LEU B 259 27.63 -15.53 -4.65
N GLY B 260 28.53 -14.73 -5.20
CA GLY B 260 29.29 -15.17 -6.35
C GLY B 260 29.79 -14.00 -7.20
N ARG B 261 30.25 -14.33 -8.39
CA ARG B 261 30.75 -13.33 -9.28
C ARG B 261 29.62 -12.99 -10.23
N LEU B 262 29.07 -11.77 -10.15
CA LEU B 262 27.84 -11.44 -10.89
C LEU B 262 27.98 -10.27 -11.85
N PRO B 263 27.39 -10.36 -13.05
CA PRO B 263 27.33 -9.26 -13.99
C PRO B 263 26.54 -8.13 -13.34
N VAL B 264 27.00 -6.92 -13.60
CA VAL B 264 26.63 -5.77 -12.85
C VAL B 264 26.65 -4.63 -13.85
N GLN B 265 25.76 -3.68 -13.65
CA GLN B 265 25.71 -2.46 -14.43
C GLN B 265 26.45 -1.43 -13.63
N SER B 266 27.57 -0.97 -14.19
CA SER B 266 28.31 0.12 -13.62
C SER B 266 29.41 0.54 -14.58
N GLY B 267 29.70 1.83 -14.60
CA GLY B 267 30.86 2.30 -15.34
C GLY B 267 32.04 2.69 -14.46
N ALA B 268 31.99 2.41 -13.16
CA ALA B 268 33.06 2.80 -12.25
C ALA B 268 34.35 1.99 -12.51
N PRO B 269 35.51 2.45 -11.98
CA PRO B 269 36.72 1.67 -12.27
C PRO B 269 36.76 0.31 -11.54
N ALA B 270 37.44 -0.65 -12.13
CA ALA B 270 37.68 -1.89 -11.47
C ALA B 270 38.39 -1.59 -10.15
N GLY B 271 38.08 -2.35 -9.11
CA GLY B 271 38.64 -2.07 -7.79
C GLY B 271 37.85 -1.13 -6.90
N THR B 272 36.85 -0.47 -7.46
CA THR B 272 35.88 0.25 -6.66
C THR B 272 35.12 -0.71 -5.78
N ARG B 273 34.86 -0.32 -4.53
CA ARG B 273 34.06 -1.09 -3.61
C ARG B 273 32.69 -0.41 -3.43
N GLY B 274 31.66 -1.19 -3.17
CA GLY B 274 30.32 -0.62 -2.99
C GLY B 274 29.33 -1.72 -2.65
N THR B 275 28.12 -1.61 -3.20
CA THR B 275 27.06 -2.55 -2.85
C THR B 275 26.39 -2.96 -4.12
N LEU B 276 26.09 -4.24 -4.25
CA LEU B 276 25.30 -4.64 -5.40
C LEU B 276 23.87 -5.04 -5.00
N LEU B 277 22.93 -4.78 -5.90
CA LEU B 277 21.52 -4.92 -5.58
C LEU B 277 20.89 -5.75 -6.65
N ILE B 278 20.18 -6.77 -6.18
CA ILE B 278 19.40 -7.65 -7.00
C ILE B 278 17.90 -7.49 -6.69
N ARG B 279 17.10 -7.38 -7.74
CA ARG B 279 15.64 -7.32 -7.62
C ARG B 279 15.11 -8.75 -7.49
N PRO B 280 14.26 -9.02 -6.46
CA PRO B 280 13.79 -10.39 -6.21
C PRO B 280 13.25 -11.05 -7.45
N GLU B 281 12.63 -10.29 -8.36
CA GLU B 281 12.11 -10.90 -9.57
C GLU B 281 13.20 -11.39 -10.54
N GLN B 282 14.45 -11.07 -10.28
CA GLN B 282 15.52 -11.60 -11.15
C GLN B 282 15.88 -13.05 -10.88
N TYR B 283 15.52 -13.56 -9.71
CA TYR B 283 15.84 -14.91 -9.32
C TYR B 283 14.85 -15.96 -9.85
N SER B 284 15.39 -17.13 -10.17
CA SER B 284 14.60 -18.35 -10.39
C SER B 284 15.48 -19.56 -10.03
N LEU B 285 14.84 -20.70 -9.75
CA LEU B 285 15.57 -21.90 -9.34
C LEU B 285 15.27 -23.02 -10.33
N HIS B 286 16.27 -23.79 -10.68
CA HIS B 286 16.09 -24.78 -11.74
C HIS B 286 16.62 -26.12 -11.25
N PRO B 287 16.16 -27.26 -11.83
CA PRO B 287 15.25 -27.37 -12.96
C PRO B 287 13.81 -27.16 -12.50
N HIS B 288 12.91 -27.14 -13.46
CA HIS B 288 11.48 -26.96 -13.21
C HIS B 288 10.70 -28.10 -13.83
N SER B 289 9.70 -28.57 -13.09
CA SER B 289 8.72 -29.52 -13.61
C SER B 289 8.05 -29.01 -14.85
N ALA B 290 7.63 -29.93 -15.73
CA ALA B 290 6.79 -29.56 -16.82
C ALA B 290 5.65 -28.74 -16.24
N PRO B 291 5.23 -27.68 -16.93
CA PRO B 291 4.17 -26.86 -16.38
C PRO B 291 2.83 -27.59 -16.43
N ALA B 292 1.89 -27.21 -15.58
CA ALA B 292 0.56 -27.82 -15.58
C ALA B 292 0.00 -27.80 -17.01
N ALA B 293 0.20 -26.68 -17.69
CA ALA B 293 -0.14 -26.56 -19.11
C ALA B 293 1.00 -25.85 -19.83
N SER B 294 1.37 -26.40 -20.99
CA SER B 294 2.32 -25.72 -21.89
C SER B 294 1.57 -25.43 -23.17
N ILE B 295 1.38 -24.16 -23.48
CA ILE B 295 0.62 -23.81 -24.67
C ILE B 295 1.48 -23.01 -25.66
N HIS B 296 1.33 -23.29 -26.95
CA HIS B 296 2.07 -22.54 -27.98
C HIS B 296 1.46 -21.15 -28.18
N ALA B 297 2.30 -20.14 -28.27
CA ALA B 297 1.81 -18.76 -28.31
C ALA B 297 2.51 -17.90 -29.38
N VAL B 298 1.85 -16.82 -29.80
CA VAL B 298 2.47 -15.87 -30.72
C VAL B 298 2.48 -14.44 -30.17
N VAL B 299 3.68 -13.89 -30.01
CA VAL B 299 3.85 -12.51 -29.55
C VAL B 299 3.43 -11.49 -30.59
N LEU B 300 2.38 -10.75 -30.27
CA LEU B 300 1.86 -9.73 -31.15
C LEU B 300 2.47 -8.36 -30.92
N LYS B 301 2.92 -8.06 -29.71
CA LYS B 301 3.34 -6.70 -29.39
C LYS B 301 4.05 -6.75 -28.05
N THR B 302 5.19 -6.06 -27.96
CA THR B 302 5.96 -5.95 -26.73
C THR B 302 6.10 -4.46 -26.37
N THR B 303 5.79 -4.09 -25.14
CA THR B 303 5.86 -2.69 -24.74
CA THR B 303 5.85 -2.68 -24.73
C THR B 303 6.52 -2.53 -23.36
N PRO B 304 7.78 -2.12 -23.36
CA PRO B 304 8.55 -1.95 -22.15
C PRO B 304 7.87 -0.92 -21.24
N LYS B 305 7.80 -1.21 -19.95
CA LYS B 305 7.41 -0.24 -18.92
C LYS B 305 8.57 -0.12 -17.94
N ALA B 306 8.30 0.45 -16.77
CA ALA B 306 9.39 0.85 -15.89
C ALA B 306 10.12 -0.35 -15.37
N ARG B 307 9.35 -1.30 -14.87
CA ARG B 307 9.86 -2.46 -14.16
C ARG B 307 9.36 -3.77 -14.76
N HIS B 308 8.47 -3.67 -15.73
CA HIS B 308 7.98 -4.85 -16.45
C HIS B 308 7.86 -4.56 -17.94
N THR B 309 7.60 -5.62 -18.70
CA THR B 309 7.22 -5.49 -20.09
C THR B 309 5.81 -6.01 -20.30
N GLU B 310 5.01 -5.26 -21.05
CA GLU B 310 3.66 -5.64 -21.32
C GLU B 310 3.68 -6.46 -22.63
N ILE B 311 3.23 -7.72 -22.59
CA ILE B 311 3.24 -8.53 -23.81
C ILE B 311 1.84 -8.89 -24.30
N SER B 312 1.58 -8.60 -25.58
CA SER B 312 0.32 -9.00 -26.18
C SER B 312 0.51 -10.34 -26.87
N LEU B 313 -0.42 -11.25 -26.63
CA LEU B 313 -0.20 -12.65 -26.93
C LEU B 313 -1.39 -13.31 -27.62
N ARG B 314 -1.11 -14.22 -28.55
CA ARG B 314 -2.08 -15.18 -29.08
C ARG B 314 -1.69 -16.56 -28.59
N ALA B 315 -2.54 -17.17 -27.75
CA ALA B 315 -2.24 -18.50 -27.17
C ALA B 315 -3.48 -19.37 -27.29
N GLY B 316 -3.31 -20.62 -27.69
CA GLY B 316 -4.43 -21.49 -28.00
C GLY B 316 -5.30 -20.82 -29.05
N GLN B 317 -6.45 -20.30 -28.60
CA GLN B 317 -7.34 -19.56 -29.49
C GLN B 317 -7.90 -18.32 -28.83
N THR B 318 -7.05 -17.64 -28.08
CA THR B 318 -7.40 -16.35 -27.51
C THR B 318 -6.14 -15.49 -27.38
N VAL B 319 -6.35 -14.19 -27.17
CA VAL B 319 -5.26 -13.25 -26.96
C VAL B 319 -5.26 -12.74 -25.52
N LEU B 320 -4.11 -12.83 -24.86
CA LEU B 320 -3.96 -12.32 -23.52
C LEU B 320 -2.90 -11.21 -23.54
N THR B 321 -2.98 -10.32 -22.55
CA THR B 321 -1.87 -9.42 -22.30
C THR B 321 -1.24 -9.75 -20.95
N LEU B 322 0.06 -9.97 -20.97
CA LEU B 322 0.78 -10.40 -19.77
C LEU B 322 1.77 -9.32 -19.35
N ASN B 323 2.04 -9.22 -18.07
CA ASN B 323 3.11 -8.37 -17.58
C ASN B 323 4.18 -9.29 -17.06
N LEU B 324 5.38 -9.23 -17.61
CA LEU B 324 6.42 -10.13 -17.21
C LEU B 324 7.70 -9.35 -16.91
N PRO B 325 8.54 -9.86 -15.99
CA PRO B 325 9.76 -9.14 -15.62
C PRO B 325 10.61 -8.77 -16.84
N SER B 326 10.57 -9.58 -17.89
CA SER B 326 11.31 -9.27 -19.10
C SER B 326 10.72 -10.02 -20.26
N ALA B 327 11.18 -9.70 -21.47
CA ALA B 327 10.69 -10.38 -22.66
C ALA B 327 11.44 -11.69 -22.88
N PRO B 328 10.79 -12.67 -23.52
CA PRO B 328 11.44 -13.91 -23.89
C PRO B 328 12.38 -13.70 -25.09
N THR B 329 13.38 -14.56 -25.24
CA THR B 329 14.21 -14.54 -26.44
C THR B 329 13.66 -15.53 -27.45
N LEU B 330 13.11 -15.00 -28.53
CA LEU B 330 12.49 -15.82 -29.56
C LEU B 330 13.27 -15.70 -30.86
N SER B 331 14.05 -16.71 -31.18
CA SER B 331 14.88 -16.72 -32.38
C SER B 331 14.07 -16.22 -33.53
N ASP B 332 12.78 -16.29 -33.35
CA ASP B 332 11.79 -16.00 -34.34
C ASP B 332 11.28 -14.55 -34.21
N GLY B 333 11.40 -14.00 -33.01
CA GLY B 333 10.75 -12.74 -32.67
C GLY B 333 9.28 -12.92 -32.32
N ILE B 334 8.70 -14.08 -32.61
CA ILE B 334 7.26 -14.23 -32.42
C ILE B 334 6.77 -15.52 -31.77
N SER B 335 7.53 -16.60 -31.96
CA SER B 335 7.08 -17.91 -31.52
C SER B 335 7.50 -18.23 -30.07
N ALA B 336 6.50 -18.47 -29.22
CA ALA B 336 6.80 -18.66 -27.81
C ALA B 336 5.95 -19.79 -27.25
N VAL B 337 6.30 -20.21 -26.04
CA VAL B 337 5.51 -21.19 -25.31
C VAL B 337 5.04 -20.57 -23.97
N LEU B 338 3.73 -20.56 -23.79
CA LEU B 338 3.14 -20.10 -22.56
C LEU B 338 3.05 -21.26 -21.58
N HIS B 339 3.60 -21.09 -20.39
CA HIS B 339 3.43 -22.11 -19.34
C HIS B 339 2.44 -21.63 -18.26
N LEU B 340 1.61 -22.56 -17.80
CA LEU B 340 0.82 -22.36 -16.59
C LEU B 340 1.36 -23.22 -15.47
N ASP B 341 1.68 -22.60 -14.34
CA ASP B 341 2.18 -23.29 -13.16
C ASP B 341 1.03 -23.57 -12.20
N GLY B 342 0.63 -24.83 -12.06
CA GLY B 342 -0.47 -25.17 -11.15
C GLY B 342 -1.85 -25.06 -11.78
N PRO B 343 -2.87 -25.66 -11.14
CA PRO B 343 -4.25 -25.56 -11.56
C PRO B 343 -4.81 -24.16 -11.39
N ALA B 344 -5.71 -23.80 -12.28
CA ALA B 344 -6.39 -22.54 -12.19
C ALA B 344 -7.53 -22.75 -11.19
N LEU B 345 -8.24 -21.67 -10.86
CA LEU B 345 -9.39 -21.78 -9.98
C LEU B 345 -10.61 -21.86 -10.88
N PHE B 346 -11.65 -22.57 -10.44
CA PHE B 346 -12.91 -22.60 -11.17
C PHE B 346 -14.10 -22.21 -10.30
N PHE B 347 -14.87 -21.23 -10.75
CA PHE B 347 -16.07 -20.82 -10.02
C PHE B 347 -17.35 -21.04 -10.82
N PRO B 348 -18.23 -21.90 -10.33
CA PRO B 348 -19.59 -21.99 -10.91
C PRO B 348 -20.31 -20.68 -10.66
N GLY B 349 -20.61 -19.92 -11.71
CA GLY B 349 -20.95 -18.51 -11.54
C GLY B 349 -22.38 -18.08 -11.78
N ASN B 350 -23.25 -18.36 -10.81
CA ASN B 350 -24.67 -18.05 -10.92
C ASN B 350 -24.92 -16.61 -11.35
N THR B 351 -24.60 -16.31 -12.60
CA THR B 351 -24.69 -14.94 -13.11
C THR B 351 -26.00 -14.67 -13.83
#